data_4R0Q
#
_entry.id   4R0Q
#
_cell.length_a   68.553
_cell.length_b   70.002
_cell.length_c   115.233
_cell.angle_alpha   90.00
_cell.angle_beta   96.76
_cell.angle_gamma   90.00
#
_symmetry.space_group_name_H-M   'P 1 21 1'
#
loop_
_entity.id
_entity.type
_entity.pdbx_description
1 polymer 'Peptidoglycan glycosyltransferase'
2 non-polymer 'CEPHALOTHIN GROUP'
3 non-polymer 'THIOCYANATE ION'
4 non-polymer 2-[3-(2-HYDROXY-1,1-DIHYDROXYMETHYL-ETHYLAMINO)-PROPYLAMINO]-2-HYDROXYMETHYL-PROPANE-1,3-DIOL
5 water water
#
_entity_poly.entity_id   1
_entity_poly.type   'polypeptide(L)'
_entity_poly.pdbx_seq_one_letter_code
;(MSE)HHHHHHSSGVDLWSHPQFEKGTENLYFQSNAIDAPRLQALPTNNHTIAKSAYVQRGAIITSDGVTLAESVKQDDG
TYVRNYPHDG(MSE)ASHTVGYISTQYGTAGIESS(MSE)NETLTGHADHSDWRSALYS(MSE)AGINTTGSSVVLTINS
Q(MSE)QAVAEAALQGYSGSIVV(MSE)DPSTGAVLAKASSPSYTHAELGTIIESGTGSQLVDRTTQALYSPGSSFKTVT
LAAGIDTHKTTLDTTYSAPGT(MSE)EIGGGTIHNYANED(MSE)GTIPLREAFARSSNTALAQLGVALGADNLVSYARA
FGYGTALGQDFSTTPSL(MSE)PNPAE(MSE)TTWELAWASCGLPVGEHASPAGPQTTV(MSE)QNAVIAAAIANGGVV
(MSE)NPYIVDRVLSPEGAVVSTTSPKSLGQAVSADTAAQVREA(MSE)LGVVESGTG(MSE)GARVPGVKIAGKTGTAD
VENGNFNSFFIGFAPYDHPTLVVSVVIEGNGENVLGYGAQVGGRVLAQCLNIQALGAAS
;
_entity_poly.pdbx_strand_id   A,B
#
# COMPACT_ATOMS: atom_id res chain seq x y z
N SER A 51 25.89 9.56 46.18
CA SER A 51 25.22 8.73 45.10
C SER A 51 24.71 9.52 43.87
N ALA A 52 24.65 10.85 43.97
CA ALA A 52 24.36 11.72 42.83
C ALA A 52 25.62 12.42 42.32
N TYR A 53 26.77 12.10 42.93
CA TYR A 53 28.07 12.64 42.50
C TYR A 53 28.78 11.58 41.66
N VAL A 54 28.05 10.50 41.37
CA VAL A 54 28.56 9.41 40.56
C VAL A 54 27.86 9.42 39.22
N GLN A 55 28.67 9.50 38.18
CA GLN A 55 28.21 9.52 36.80
C GLN A 55 27.47 8.26 36.35
N ARG A 56 26.31 8.47 35.75
CA ARG A 56 25.57 7.36 35.15
C ARG A 56 26.18 7.09 33.77
N GLY A 57 26.33 5.81 33.46
CA GLY A 57 26.67 5.38 32.09
C GLY A 57 25.67 5.81 31.00
N ALA A 58 26.13 5.81 29.76
CA ALA A 58 25.30 6.25 28.63
C ALA A 58 24.43 5.08 28.12
N ILE A 59 23.38 5.42 27.37
CA ILE A 59 22.61 4.47 26.57
C ILE A 59 22.83 4.90 25.13
N ILE A 60 23.31 3.95 24.30
CA ILE A 60 23.74 4.21 22.92
C ILE A 60 23.19 3.19 21.95
N THR A 61 22.81 3.64 20.75
CA THR A 61 22.35 2.69 19.71
C THR A 61 23.53 1.90 19.16
N SER A 62 23.21 0.86 18.39
CA SER A 62 24.23 -0.02 17.80
C SER A 62 24.96 0.75 16.74
N ASP A 63 24.32 1.71 16.09
CA ASP A 63 25.06 2.55 15.15
C ASP A 63 25.67 3.79 15.77
N GLY A 64 25.83 3.79 17.10
CA GLY A 64 26.60 4.82 17.80
C GLY A 64 25.88 6.11 18.16
N VAL A 65 24.54 6.13 18.16
CA VAL A 65 23.86 7.38 18.49
C VAL A 65 23.47 7.42 19.97
N THR A 66 23.97 8.39 20.71
CA THR A 66 23.72 8.50 22.16
C THR A 66 22.30 8.99 22.42
N LEU A 67 21.58 8.23 23.25
CA LEU A 67 20.20 8.54 23.59
C LEU A 67 20.03 8.97 25.04
N ALA A 68 21.02 8.63 25.86
CA ALA A 68 21.04 9.09 27.25
C ALA A 68 22.46 9.19 27.80
N GLU A 69 22.77 10.36 28.38
CA GLU A 69 24.07 10.75 28.98
C GLU A 69 23.88 11.33 30.39
N SER A 70 24.92 11.30 31.19
CA SER A 70 24.90 11.99 32.46
C SER A 70 25.97 13.06 32.47
N VAL A 71 25.56 14.31 32.70
CA VAL A 71 26.49 15.46 32.68
C VAL A 71 26.79 16.07 34.05
N LYS A 72 28.09 16.15 34.33
CA LYS A 72 28.55 16.65 35.62
C LYS A 72 28.23 18.14 35.76
N GLN A 73 27.78 18.52 36.94
CA GLN A 73 27.55 19.93 37.23
C GLN A 73 28.80 20.46 37.89
N ASP A 74 28.83 21.78 38.10
CA ASP A 74 29.87 22.43 38.93
C ASP A 74 29.51 22.33 40.40
N ASP A 75 28.21 22.30 40.65
CA ASP A 75 27.65 21.76 41.88
C ASP A 75 28.30 20.43 42.33
N GLY A 76 28.64 19.55 41.38
CA GLY A 76 29.30 18.27 41.64
C GLY A 76 28.44 17.09 41.17
N THR A 77 27.13 17.26 41.33
CA THR A 77 26.13 16.31 40.91
C THR A 77 26.11 16.13 39.38
N TYR A 78 25.20 15.27 38.92
CA TYR A 78 25.11 14.90 37.52
C TYR A 78 23.66 15.04 37.07
N VAL A 79 23.43 15.73 35.95
CA VAL A 79 22.09 15.76 35.34
C VAL A 79 22.01 14.75 34.19
N ARG A 80 20.91 14.00 34.18
CA ARG A 80 20.61 13.08 33.08
C ARG A 80 20.14 13.86 31.87
N ASN A 81 20.83 13.68 30.74
CA ASN A 81 20.51 14.35 29.51
C ASN A 81 20.06 13.34 28.42
N TYR A 82 19.15 13.76 27.55
CA TYR A 82 18.58 12.89 26.53
C TYR A 82 18.66 13.54 25.16
N PRO A 83 19.79 13.36 24.44
CA PRO A 83 19.78 13.79 23.06
C PRO A 83 18.83 12.96 22.20
N HIS A 84 18.52 13.58 21.05
CA HIS A 84 17.44 13.19 20.20
C HIS A 84 16.22 12.82 21.00
N ASP A 85 15.95 13.62 22.03
CA ASP A 85 14.88 13.37 22.95
C ASP A 85 13.62 13.04 22.17
N GLY A 86 13.05 11.89 22.43
CA GLY A 86 11.83 11.49 21.70
C GLY A 86 12.06 10.27 20.84
N ALA A 88 12.83 6.57 20.42
CA ALA A 88 12.76 5.35 21.24
C ALA A 88 12.54 5.60 22.75
N SER A 89 11.70 6.57 23.06
CA SER A 89 11.50 7.02 24.42
C SER A 89 11.17 5.85 25.31
N HIS A 90 10.24 5.00 24.89
CA HIS A 90 9.78 3.96 25.78
C HIS A 90 10.84 2.95 26.08
N THR A 91 11.74 2.70 25.13
CA THR A 91 12.84 1.76 25.33
C THR A 91 13.95 2.35 26.16
N VAL A 92 14.25 3.60 25.92
CA VAL A 92 15.22 4.31 26.73
C VAL A 92 14.73 4.42 28.18
N GLY A 93 13.51 4.87 28.37
CA GLY A 93 12.90 4.84 29.69
C GLY A 93 13.28 6.00 30.57
N TYR A 94 13.04 5.80 31.86
CA TYR A 94 13.15 6.82 32.86
C TYR A 94 13.03 6.19 34.23
N ILE A 95 13.40 7.04 35.19
CA ILE A 95 13.24 6.80 36.58
C ILE A 95 12.63 8.10 37.07
N SER A 96 11.36 8.04 37.44
CA SER A 96 10.59 9.21 37.86
C SER A 96 9.76 8.86 39.09
N THR A 97 9.79 9.72 40.07
CA THR A 97 9.00 9.52 41.25
C THR A 97 7.51 9.51 40.91
N GLN A 98 7.11 10.47 40.09
CA GLN A 98 5.76 10.61 39.67
C GLN A 98 5.34 9.48 38.73
N TYR A 99 6.15 9.23 37.72
CA TYR A 99 5.78 8.36 36.64
C TYR A 99 6.23 6.92 36.72
N GLY A 100 7.04 6.57 37.71
CA GLY A 100 7.50 5.21 37.87
C GLY A 100 8.79 4.98 37.09
N THR A 101 9.11 3.72 36.78
CA THR A 101 10.34 3.41 36.08
C THR A 101 10.02 2.62 34.84
N ALA A 102 10.84 2.77 33.82
CA ALA A 102 10.59 2.04 32.59
C ALA A 102 11.86 1.90 31.77
N GLY A 103 11.83 0.99 30.82
CA GLY A 103 12.88 0.86 29.82
C GLY A 103 14.21 0.49 30.37
N ILE A 104 15.24 0.82 29.58
CA ILE A 104 16.61 0.47 29.92
C ILE A 104 17.07 1.19 31.17
N GLU A 105 16.69 2.43 31.30
CA GLU A 105 17.02 3.15 32.54
C GLU A 105 16.69 2.32 33.77
N SER A 106 15.60 1.57 33.77
CA SER A 106 15.32 0.77 34.93
C SER A 106 15.89 -0.65 34.72
N SER A 107 15.52 -1.36 33.66
CA SER A 107 16.00 -2.74 33.53
C SER A 107 17.52 -2.87 33.70
N ASN A 109 19.50 -0.62 35.46
CA ASN A 109 19.89 0.35 36.45
C ASN A 109 21.23 0.04 37.11
N GLU A 110 21.34 -1.20 37.63
CA GLU A 110 22.57 -1.70 38.29
C GLU A 110 23.83 -1.35 37.48
N THR A 111 23.77 -1.64 36.18
CA THR A 111 24.90 -1.48 35.26
C THR A 111 25.23 -0.01 34.98
N LEU A 112 24.20 0.78 34.75
CA LEU A 112 24.38 2.21 34.46
C LEU A 112 24.93 2.99 35.66
N THR A 113 24.59 2.52 36.86
CA THR A 113 25.33 2.88 38.08
C THR A 113 26.85 2.66 37.94
N ARG A 122 36.09 4.76 52.14
N ARG A 122 35.97 4.69 52.15
CA ARG A 122 36.09 5.81 51.15
CA ARG A 122 36.13 5.69 51.12
C ARG A 122 34.72 6.15 50.70
C ARG A 122 34.75 6.11 50.72
N SER A 123 33.81 5.19 50.86
CA SER A 123 32.38 5.43 50.68
C SER A 123 31.87 6.50 51.65
N ALA A 124 32.54 6.61 52.79
CA ALA A 124 32.20 7.61 53.79
C ALA A 124 32.45 9.05 53.32
N LEU A 125 33.35 9.23 52.36
CA LEU A 125 33.62 10.56 51.82
C LEU A 125 32.81 10.84 50.55
N TYR A 126 31.89 11.78 50.64
CA TYR A 126 31.11 12.11 49.46
C TYR A 126 32.00 12.82 48.48
N SER A 127 32.97 13.56 48.97
CA SER A 127 33.95 14.26 48.13
C SER A 127 34.74 13.36 47.20
N ALA A 129 33.32 10.36 45.89
CA ALA A 129 32.43 9.44 45.16
C ALA A 129 32.65 9.45 43.63
N GLY A 130 32.91 10.65 43.10
CA GLY A 130 33.25 10.78 41.68
C GLY A 130 34.53 10.08 41.26
N ILE A 131 35.51 10.00 42.16
CA ILE A 131 36.86 9.59 41.78
C ILE A 131 36.93 8.14 41.29
N ASN A 132 36.40 7.18 42.05
CA ASN A 132 36.49 5.78 41.61
C ASN A 132 35.38 5.37 40.63
N THR A 133 34.17 5.14 41.12
CA THR A 133 33.09 4.73 40.26
C THR A 133 32.92 5.69 39.10
N THR A 134 32.61 5.12 37.95
CA THR A 134 31.85 5.78 36.91
C THR A 134 30.96 4.67 36.35
N GLY A 135 29.83 5.02 35.77
CA GLY A 135 28.88 4.01 35.26
C GLY A 135 29.30 3.39 33.94
N SER A 136 29.05 2.10 33.81
CA SER A 136 29.30 1.43 32.53
C SER A 136 28.09 1.74 31.62
N SER A 137 28.36 1.83 30.33
CA SER A 137 27.36 2.21 29.34
C SER A 137 26.73 1.00 28.67
N VAL A 138 25.58 1.24 28.04
CA VAL A 138 24.80 0.20 27.45
C VAL A 138 24.62 0.49 25.98
N VAL A 139 25.04 -0.46 25.14
CA VAL A 139 24.83 -0.34 23.72
C VAL A 139 23.68 -1.26 23.30
N LEU A 140 22.66 -0.65 22.73
CA LEU A 140 21.47 -1.39 22.30
C LEU A 140 21.65 -2.01 20.93
N THR A 141 20.77 -2.94 20.61
CA THR A 141 20.70 -3.60 19.31
C THR A 141 19.94 -2.69 18.37
N ILE A 142 19.14 -1.79 18.92
CA ILE A 142 18.45 -0.79 18.11
C ILE A 142 19.39 -0.07 17.11
N ASN A 143 18.93 0.06 15.88
CA ASN A 143 19.58 0.83 14.83
C ASN A 143 18.78 2.08 14.65
N SER A 144 19.46 3.22 14.69
CA SER A 144 18.77 4.51 14.74
C SER A 144 18.01 4.83 13.47
N GLN A 145 18.53 4.38 12.35
CA GLN A 145 17.83 4.57 11.07
C GLN A 145 16.56 3.69 10.92
N GLN A 147 14.92 2.65 13.52
CA GLN A 147 14.06 3.27 14.52
C GLN A 147 13.27 4.45 13.92
N ALA A 148 13.97 5.36 13.23
CA ALA A 148 13.37 6.52 12.60
C ALA A 148 12.33 6.10 11.61
N VAL A 149 12.65 5.07 10.82
CA VAL A 149 11.66 4.47 9.89
C VAL A 149 10.37 4.06 10.61
N ALA A 150 10.53 3.34 11.73
CA ALA A 150 9.35 2.85 12.44
C ALA A 150 8.56 4.00 13.05
N GLU A 151 9.24 5.00 13.57
CA GLU A 151 8.55 6.09 14.18
C GLU A 151 7.80 6.95 13.16
N ALA A 152 8.38 7.15 11.98
CA ALA A 152 7.72 7.90 10.89
C ALA A 152 6.47 7.17 10.41
N ALA A 153 6.51 5.85 10.37
CA ALA A 153 5.38 5.07 9.88
C ALA A 153 4.22 5.16 10.86
N LEU A 154 4.49 5.43 12.13
CA LEU A 154 3.41 5.60 13.12
C LEU A 154 2.78 7.03 13.23
N GLN A 155 3.40 8.02 12.60
CA GLN A 155 2.92 9.38 12.69
C GLN A 155 1.42 9.48 12.40
N GLY A 156 0.67 10.01 13.33
CA GLY A 156 -0.74 10.18 13.11
C GLY A 156 -1.59 9.01 13.59
N TYR A 157 -0.96 7.98 14.16
CA TYR A 157 -1.67 6.76 14.60
C TYR A 157 -1.21 6.36 15.95
N SER A 158 -2.09 5.74 16.69
CA SER A 158 -1.70 4.99 17.86
C SER A 158 -1.39 3.58 17.45
N GLY A 159 -0.45 2.95 18.16
CA GLY A 159 -0.11 1.57 17.91
C GLY A 159 1.39 1.33 18.08
N SER A 160 1.93 0.34 17.38
CA SER A 160 3.32 0.03 17.60
C SER A 160 3.92 -0.83 16.54
N ILE A 161 5.23 -0.75 16.48
CA ILE A 161 6.02 -1.52 15.50
C ILE A 161 7.25 -2.13 16.15
N VAL A 162 7.54 -3.40 15.85
CA VAL A 162 8.78 -4.04 16.19
C VAL A 162 9.43 -4.56 14.94
N VAL A 163 10.71 -4.26 14.76
CA VAL A 163 11.53 -4.95 13.75
C VAL A 163 12.60 -5.80 14.43
N ASP A 165 15.67 -9.29 14.17
CA ASP A 165 16.44 -10.23 13.39
C ASP A 165 15.96 -11.61 13.75
N PRO A 166 15.46 -12.38 12.78
CA PRO A 166 14.82 -13.65 13.10
C PRO A 166 15.79 -14.75 13.55
N SER A 167 17.07 -14.64 13.18
CA SER A 167 18.01 -15.70 13.53
C SER A 167 18.46 -15.55 15.00
N THR A 168 18.42 -14.35 15.55
CA THR A 168 18.89 -14.17 16.91
C THR A 168 17.87 -13.62 17.90
N GLY A 169 16.87 -12.92 17.42
CA GLY A 169 15.91 -12.24 18.32
C GLY A 169 16.35 -10.81 18.63
N ALA A 170 17.39 -10.31 17.98
CA ALA A 170 17.83 -8.98 18.28
C ALA A 170 16.78 -7.97 17.85
N VAL A 171 16.43 -7.00 18.70
CA VAL A 171 15.47 -6.00 18.35
C VAL A 171 16.14 -4.76 17.74
N LEU A 172 15.83 -4.55 16.47
CA LEU A 172 16.42 -3.52 15.67
C LEU A 172 15.66 -2.21 15.64
N ALA A 173 14.35 -2.27 15.84
CA ALA A 173 13.54 -1.09 16.08
C ALA A 173 12.33 -1.48 16.91
N LYS A 174 11.88 -0.54 17.75
CA LYS A 174 10.82 -0.81 18.72
C LYS A 174 10.17 0.52 18.99
N ALA A 175 8.95 0.70 18.50
CA ALA A 175 8.30 2.00 18.56
C ALA A 175 6.87 1.89 18.97
N SER A 176 6.49 2.82 19.83
CA SER A 176 5.16 2.91 20.35
C SER A 176 4.62 4.33 20.16
N SER A 177 3.34 4.45 19.88
CA SER A 177 2.73 5.76 19.59
C SER A 177 1.33 5.78 20.22
N PRO A 178 0.94 6.87 20.90
CA PRO A 178 1.71 8.10 21.02
C PRO A 178 2.94 7.97 21.93
N SER A 179 3.95 8.80 21.63
CA SER A 179 5.13 8.84 22.38
C SER A 179 5.23 10.12 23.21
N TYR A 180 6.39 10.37 23.75
CA TYR A 180 6.54 11.41 24.74
C TYR A 180 8.00 11.78 24.68
N THR A 181 8.36 12.91 25.23
CA THR A 181 9.75 13.27 25.36
C THR A 181 10.01 13.31 26.82
N HIS A 182 11.26 13.05 27.17
CA HIS A 182 11.72 13.19 28.54
C HIS A 182 11.57 14.61 29.08
N ALA A 183 11.68 15.60 28.21
CA ALA A 183 11.38 16.97 28.60
C ALA A 183 9.96 17.10 29.13
N GLU A 184 8.98 16.40 28.54
CA GLU A 184 7.60 16.48 29.01
C GLU A 184 7.37 15.79 30.31
N LEU A 185 8.15 14.78 30.63
CA LEU A 185 7.97 14.12 31.91
C LEU A 185 8.17 15.09 33.04
N GLY A 186 9.11 16.01 32.91
CA GLY A 186 9.32 17.04 33.94
C GLY A 186 8.18 18.03 34.16
N THR A 187 6.99 17.79 33.59
CA THR A 187 5.79 18.56 33.90
C THR A 187 4.69 17.59 34.32
N SER A 195 -1.86 7.47 28.14
CA SER A 195 -1.73 6.73 26.90
C SER A 195 -0.30 6.79 26.44
N GLN A 196 0.30 7.98 26.36
CA GLN A 196 1.68 8.10 25.84
C GLN A 196 2.64 7.26 26.56
N LEU A 197 2.45 7.08 27.85
CA LEU A 197 3.37 6.30 28.66
C LEU A 197 3.24 4.78 28.51
N VAL A 198 2.13 4.27 27.99
CA VAL A 198 2.04 2.83 27.72
C VAL A 198 3.01 2.40 26.62
N ASP A 199 3.80 1.37 26.87
CA ASP A 199 4.66 0.76 25.81
C ASP A 199 3.87 -0.29 25.07
N ARG A 200 3.30 0.13 23.96
CA ARG A 200 2.43 -0.75 23.17
C ARG A 200 3.15 -1.84 22.37
N THR A 201 4.47 -1.92 22.42
CA THR A 201 5.18 -3.05 21.90
C THR A 201 5.16 -4.23 22.90
N THR A 202 5.25 -3.94 24.20
CA THR A 202 5.53 -4.99 25.18
C THR A 202 4.57 -5.04 26.40
N GLN A 203 3.84 -3.99 26.64
CA GLN A 203 3.08 -3.89 27.86
C GLN A 203 1.63 -3.53 27.65
N ALA A 204 1.11 -3.76 26.44
CA ALA A 204 -0.30 -3.66 26.13
C ALA A 204 -0.69 -5.00 25.51
N LEU A 205 -1.84 -5.50 25.89
CA LEU A 205 -2.38 -6.70 25.27
C LEU A 205 -3.49 -6.39 24.31
N TYR A 206 -3.54 -7.13 23.22
CA TYR A 206 -4.51 -6.96 22.16
C TYR A 206 -5.07 -8.31 21.74
N SER A 207 -6.33 -8.35 21.33
CA SER A 207 -6.75 -9.49 20.51
C SER A 207 -5.97 -9.44 19.21
N PRO A 208 -5.25 -10.54 18.89
CA PRO A 208 -4.46 -10.60 17.66
C PRO A 208 -5.29 -10.75 16.38
N GLY A 209 -6.55 -11.14 16.50
CA GLY A 209 -7.39 -11.42 15.34
C GLY A 209 -6.60 -12.37 14.43
N SER A 210 -6.73 -12.17 13.14
CA SER A 210 -6.40 -13.23 12.23
C SER A 210 -4.88 -13.46 12.11
N SER A 211 -4.06 -12.55 12.65
CA SER A 211 -2.64 -12.79 12.69
C SER A 211 -2.30 -14.05 13.49
N PHE A 212 -3.17 -14.43 14.43
CA PHE A 212 -2.99 -15.66 15.24
C PHE A 212 -3.26 -16.91 14.41
N LYS A 213 -3.87 -16.75 13.25
CA LYS A 213 -4.03 -17.94 12.41
C LYS A 213 -2.68 -18.55 12.00
N THR A 214 -1.61 -17.75 12.00
CA THR A 214 -0.29 -18.31 11.75
C THR A 214 -0.02 -19.48 12.73
N VAL A 215 -0.47 -19.37 13.97
CA VAL A 215 -0.26 -20.42 15.00
C VAL A 215 -1.18 -21.61 14.77
N THR A 216 -2.45 -21.35 14.43
CA THR A 216 -3.40 -22.41 14.10
C THR A 216 -2.91 -23.28 12.94
N LEU A 217 -2.52 -22.61 11.87
CA LEU A 217 -1.98 -23.24 10.71
C LEU A 217 -0.72 -24.04 11.04
N ALA A 218 0.23 -23.41 11.73
CA ALA A 218 1.45 -24.09 12.12
C ALA A 218 1.16 -25.34 12.92
N ALA A 219 0.24 -25.24 13.85
CA ALA A 219 -0.12 -26.38 14.65
C ALA A 219 -0.79 -27.48 13.82
N GLY A 220 -1.64 -27.08 12.90
CA GLY A 220 -2.36 -28.03 12.03
C GLY A 220 -1.45 -28.86 11.15
N ILE A 221 -0.44 -28.19 10.63
CA ILE A 221 0.55 -28.81 9.80
C ILE A 221 1.51 -29.67 10.61
N ASP A 222 2.00 -29.15 11.71
CA ASP A 222 2.93 -29.89 12.54
C ASP A 222 2.41 -31.15 13.19
N THR A 223 1.11 -31.19 13.52
CA THR A 223 0.50 -32.35 14.05
C THR A 223 0.06 -33.25 12.88
N HIS A 224 0.24 -32.83 11.62
CA HIS A 224 -0.11 -33.68 10.49
C HIS A 224 -1.60 -33.95 10.42
N LYS A 225 -2.39 -32.98 10.80
CA LYS A 225 -3.83 -33.00 10.66
C LYS A 225 -4.30 -32.32 9.37
N THR A 226 -3.42 -31.60 8.69
CA THR A 226 -3.81 -30.93 7.45
C THR A 226 -2.59 -30.60 6.60
N THR A 227 -2.80 -30.13 5.38
CA THR A 227 -1.76 -29.64 4.50
C THR A 227 -2.29 -28.40 3.80
N LEU A 228 -1.42 -27.66 3.15
CA LEU A 228 -1.83 -26.46 2.40
C LEU A 228 -2.79 -26.74 1.28
N ASP A 229 -2.74 -27.95 0.73
CA ASP A 229 -3.66 -28.28 -0.33
C ASP A 229 -4.89 -29.04 0.09
N THR A 230 -5.07 -29.31 1.36
CA THR A 230 -6.34 -29.87 1.84
C THR A 230 -7.49 -28.85 1.71
N THR A 231 -8.66 -29.28 1.27
CA THR A 231 -9.74 -28.37 0.95
C THR A 231 -10.62 -28.24 2.14
N TYR A 232 -11.19 -27.03 2.27
CA TYR A 232 -12.10 -26.74 3.32
C TYR A 232 -13.26 -26.03 2.72
N SER A 233 -14.41 -26.32 3.27
CA SER A 233 -15.57 -25.48 3.07
C SER A 233 -15.42 -24.16 3.80
N ALA A 234 -15.68 -23.05 3.10
CA ALA A 234 -15.50 -21.74 3.66
C ALA A 234 -16.72 -20.83 3.43
N PRO A 235 -17.84 -21.19 4.03
CA PRO A 235 -19.09 -20.43 3.85
C PRO A 235 -19.13 -19.11 4.61
N GLY A 236 -20.02 -18.23 4.19
CA GLY A 236 -20.19 -16.93 4.85
C GLY A 236 -20.50 -17.08 6.35
N THR A 237 -21.28 -18.10 6.70
CA THR A 237 -21.66 -18.36 8.07
C THR A 237 -21.72 -19.88 8.32
N GLU A 239 -22.41 -22.93 11.69
CA GLU A 239 -22.62 -23.14 13.10
C GLU A 239 -21.52 -24.03 13.69
N ILE A 240 -20.88 -23.56 14.75
CA ILE A 240 -19.88 -24.36 15.42
C ILE A 240 -20.08 -24.26 16.92
N GLY A 241 -20.19 -25.44 17.54
CA GLY A 241 -20.32 -25.56 18.98
C GLY A 241 -21.50 -24.80 19.48
N GLY A 242 -22.55 -24.76 18.68
CA GLY A 242 -23.78 -24.05 19.07
C GLY A 242 -23.79 -22.56 18.82
N GLY A 243 -22.66 -21.99 18.39
CA GLY A 243 -22.62 -20.60 17.96
C GLY A 243 -22.38 -20.47 16.48
N THR A 244 -22.48 -19.26 15.97
CA THR A 244 -22.20 -18.94 14.59
C THR A 244 -20.74 -18.47 14.45
N ILE A 245 -20.06 -18.92 13.40
CA ILE A 245 -18.80 -18.29 12.96
C ILE A 245 -19.14 -17.65 11.61
N HIS A 246 -18.49 -16.56 11.26
CA HIS A 246 -18.74 -15.90 10.00
C HIS A 246 -17.45 -15.41 9.35
N ASN A 247 -17.40 -15.45 8.01
CA ASN A 247 -16.33 -14.76 7.30
C ASN A 247 -16.70 -13.31 7.27
N TYR A 248 -15.69 -12.48 7.04
CA TYR A 248 -15.88 -11.07 6.75
C TYR A 248 -16.95 -10.89 5.68
N ALA A 249 -17.89 -9.98 5.91
CA ALA A 249 -18.99 -9.71 4.98
C ALA A 249 -19.85 -10.93 4.71
N ASN A 250 -19.83 -11.92 5.59
CA ASN A 250 -20.50 -13.15 5.29
C ASN A 250 -20.22 -13.73 3.89
N GLU A 251 -19.02 -13.51 3.37
CA GLU A 251 -18.62 -14.05 2.09
C GLU A 251 -18.58 -15.59 2.05
N ASP A 252 -19.35 -16.16 1.15
CA ASP A 252 -19.30 -17.59 0.94
C ASP A 252 -18.18 -17.81 -0.05
N GLY A 254 -17.05 -21.02 -0.97
CA GLY A 254 -17.11 -22.35 -1.53
C GLY A 254 -16.04 -23.19 -0.87
N THR A 255 -15.53 -24.18 -1.58
CA THR A 255 -14.58 -25.11 -1.03
C THR A 255 -13.29 -24.70 -1.63
N ILE A 256 -12.29 -24.47 -0.81
CA ILE A 256 -11.03 -23.95 -1.27
C ILE A 256 -9.90 -24.62 -0.50
N PRO A 257 -8.72 -24.68 -1.11
CA PRO A 257 -7.57 -25.20 -0.37
C PRO A 257 -7.22 -24.30 0.82
N LEU A 258 -6.65 -24.91 1.84
CA LEU A 258 -6.22 -24.21 3.00
C LEU A 258 -5.28 -23.06 2.70
N ARG A 259 -4.38 -23.21 1.76
CA ARG A 259 -3.49 -22.08 1.51
C ARG A 259 -4.28 -20.83 1.08
N GLU A 260 -5.39 -21.06 0.40
CA GLU A 260 -6.26 -19.97 -0.09
C GLU A 260 -7.15 -19.47 1.03
N ALA A 261 -7.58 -20.37 1.92
CA ALA A 261 -8.36 -19.95 3.09
C ALA A 261 -7.54 -19.07 3.98
N PHE A 262 -6.26 -19.37 4.03
CA PHE A 262 -5.34 -18.61 4.85
C PHE A 262 -5.04 -17.28 4.16
N ALA A 263 -4.75 -17.31 2.85
CA ALA A 263 -4.47 -16.06 2.10
C ALA A 263 -5.62 -15.07 2.19
N ARG A 264 -6.86 -15.56 2.16
CA ARG A 264 -8.03 -14.72 2.16
C ARG A 264 -8.57 -14.55 3.57
N SER A 265 -7.92 -15.16 4.56
CA SER A 265 -8.29 -15.06 5.96
C SER A 265 -9.77 -15.42 6.22
N SER A 266 -10.20 -16.58 5.76
CA SER A 266 -11.52 -17.10 6.10
C SER A 266 -11.60 -17.57 7.53
N ASN A 267 -12.48 -16.96 8.31
CA ASN A 267 -12.71 -17.44 9.65
C ASN A 267 -13.34 -18.82 9.66
N THR A 268 -14.29 -19.05 8.77
CA THR A 268 -15.02 -20.34 8.79
C THR A 268 -14.09 -21.51 8.51
N ALA A 269 -13.15 -21.35 7.58
CA ALA A 269 -12.18 -22.41 7.33
C ALA A 269 -11.23 -22.64 8.49
N LEU A 270 -10.59 -21.56 8.96
CA LEU A 270 -9.62 -21.69 10.01
C LEU A 270 -10.24 -22.15 11.30
N ALA A 271 -11.48 -21.75 11.56
CA ALA A 271 -12.18 -22.27 12.72
C ALA A 271 -12.28 -23.78 12.69
N GLN A 272 -12.52 -24.37 11.53
CA GLN A 272 -12.67 -25.81 11.48
C GLN A 272 -11.35 -26.49 11.82
N LEU A 273 -10.23 -25.90 11.36
CA LEU A 273 -8.94 -26.40 11.69
C LEU A 273 -8.70 -26.34 13.21
N GLY A 274 -9.05 -25.21 13.86
CA GLY A 274 -8.92 -25.08 15.28
C GLY A 274 -9.71 -26.12 16.02
N VAL A 275 -10.93 -26.38 15.56
CA VAL A 275 -11.72 -27.43 16.17
C VAL A 275 -11.10 -28.79 15.92
N ALA A 276 -10.51 -29.00 14.76
CA ALA A 276 -9.90 -30.31 14.50
C ALA A 276 -8.67 -30.51 15.38
N LEU A 277 -7.97 -29.43 15.68
CA LEU A 277 -6.79 -29.50 16.60
C LEU A 277 -7.16 -29.78 18.02
N GLY A 278 -8.18 -29.08 18.49
CA GLY A 278 -8.55 -29.23 19.90
C GLY A 278 -7.82 -28.26 20.79
N ALA A 279 -8.38 -28.05 21.95
CA ALA A 279 -7.88 -27.01 22.84
C ALA A 279 -6.47 -27.26 23.35
N ASP A 280 -6.17 -28.51 23.70
CA ASP A 280 -4.82 -28.85 24.19
C ASP A 280 -3.73 -28.54 23.18
N ASN A 281 -3.98 -28.90 21.93
CA ASN A 281 -3.02 -28.62 20.89
C ASN A 281 -2.91 -27.14 20.61
N LEU A 282 -4.02 -26.42 20.50
CA LEU A 282 -3.89 -25.01 20.25
C LEU A 282 -3.10 -24.26 21.37
N VAL A 283 -3.46 -24.54 22.61
CA VAL A 283 -2.77 -23.87 23.70
C VAL A 283 -1.29 -24.29 23.70
N SER A 284 -1.07 -25.55 23.45
CA SER A 284 0.25 -26.04 23.54
C SER A 284 1.22 -25.43 22.53
N TYR A 285 0.74 -25.25 21.32
CA TYR A 285 1.53 -24.62 20.30
C TYR A 285 1.68 -23.13 20.57
N ALA A 286 0.63 -22.47 21.04
CA ALA A 286 0.75 -21.08 21.42
C ALA A 286 1.86 -20.90 22.47
N ARG A 287 1.85 -21.73 23.50
CA ARG A 287 2.89 -21.68 24.49
C ARG A 287 4.28 -21.98 23.93
N ALA A 288 4.37 -22.90 22.98
CA ALA A 288 5.67 -23.23 22.43
C ALA A 288 6.20 -22.06 21.64
N PHE A 289 5.31 -21.23 21.06
CA PHE A 289 5.78 -19.98 20.46
C PHE A 289 6.07 -18.85 21.44
N GLY A 290 5.86 -19.04 22.76
CA GLY A 290 6.08 -17.97 23.73
C GLY A 290 4.93 -17.53 24.62
N TYR A 291 3.70 -17.95 24.33
CA TYR A 291 2.58 -17.55 25.15
C TYR A 291 2.87 -18.02 26.57
N GLY A 292 2.55 -17.18 27.57
CA GLY A 292 2.82 -17.51 28.96
C GLY A 292 4.20 -17.10 29.43
N THR A 293 5.10 -16.69 28.54
CA THR A 293 6.48 -16.34 28.90
C THR A 293 6.64 -14.85 28.84
N ALA A 294 7.37 -14.30 29.81
CA ALA A 294 7.70 -12.88 29.84
C ALA A 294 8.90 -12.64 28.91
N LEU A 295 8.61 -12.56 27.61
CA LEU A 295 9.64 -12.45 26.59
C LEU A 295 10.60 -11.32 26.90
N GLY A 296 11.84 -11.52 26.51
CA GLY A 296 12.90 -10.49 26.61
C GLY A 296 13.99 -10.95 27.56
N GLN A 297 15.22 -11.03 27.07
CA GLN A 297 16.34 -11.37 27.88
C GLN A 297 16.61 -10.22 28.81
N ASP A 298 16.37 -9.01 28.34
CA ASP A 298 16.86 -7.84 29.05
C ASP A 298 15.86 -6.66 29.00
N PHE A 299 14.59 -6.98 28.80
CA PHE A 299 13.53 -5.99 28.90
C PHE A 299 12.30 -6.77 29.33
N SER A 300 11.32 -6.03 29.79
CA SER A 300 10.15 -6.57 30.42
C SER A 300 9.01 -6.61 29.40
N THR A 301 8.40 -7.77 29.17
CA THR A 301 7.24 -7.90 28.29
C THR A 301 6.16 -8.60 29.13
N THR A 302 4.93 -8.16 29.01
CA THR A 302 3.84 -8.83 29.71
C THR A 302 3.53 -10.08 28.93
N PRO A 303 3.38 -11.20 29.59
CA PRO A 303 3.11 -12.43 28.82
C PRO A 303 1.83 -12.43 28.02
N SER A 304 1.85 -13.04 26.84
CA SER A 304 0.63 -13.30 26.11
C SER A 304 -0.11 -14.47 26.70
N LEU A 305 -1.45 -14.42 26.62
CA LEU A 305 -2.25 -15.35 27.45
C LEU A 305 -3.14 -16.23 26.60
N PRO A 307 -6.33 -19.36 27.45
CA PRO A 307 -7.06 -20.01 28.56
C PRO A 307 -6.42 -21.30 29.03
N ASN A 308 -6.95 -21.79 30.13
CA ASN A 308 -6.79 -23.20 30.50
C ASN A 308 -7.57 -24.04 29.51
N PRO A 309 -6.89 -24.85 28.70
CA PRO A 309 -7.62 -25.63 27.69
C PRO A 309 -8.82 -26.39 28.25
N ALA A 310 -8.70 -26.91 29.46
CA ALA A 310 -9.79 -27.72 30.01
C ALA A 310 -11.04 -26.89 30.21
N GLU A 311 -10.89 -25.58 30.32
CA GLU A 311 -12.02 -24.69 30.50
C GLU A 311 -12.68 -24.20 29.21
N THR A 313 -14.63 -23.98 25.52
CA THR A 313 -15.75 -24.63 24.85
C THR A 313 -15.39 -24.76 23.41
N THR A 314 -16.22 -25.50 22.68
CA THR A 314 -16.00 -25.68 21.25
C THR A 314 -16.17 -24.38 20.45
N TRP A 315 -17.19 -23.62 20.78
CA TRP A 315 -17.37 -22.33 20.11
C TRP A 315 -16.19 -21.37 20.45
N GLU A 316 -15.74 -21.38 21.69
CA GLU A 316 -14.64 -20.51 22.14
C GLU A 316 -13.39 -20.89 21.35
N LEU A 317 -13.15 -22.19 21.28
CA LEU A 317 -12.01 -22.70 20.52
C LEU A 317 -12.03 -22.24 19.09
N ALA A 318 -13.20 -22.33 18.45
CA ALA A 318 -13.33 -21.90 17.04
C ALA A 318 -12.90 -20.47 16.84
N TRP A 319 -13.37 -19.56 17.71
CA TRP A 319 -12.93 -18.17 17.58
C TRP A 319 -11.49 -17.93 18.01
N ALA A 320 -11.03 -18.66 19.03
CA ALA A 320 -9.66 -18.48 19.47
C ALA A 320 -8.72 -18.83 18.32
N SER A 321 -9.10 -19.83 17.55
CA SER A 321 -8.21 -20.31 16.52
C SER A 321 -8.17 -19.26 15.36
N CYS A 322 -9.11 -18.28 15.40
CA CYS A 322 -9.09 -17.13 14.49
C CYS A 322 -8.56 -15.88 15.18
N GLY A 323 -8.05 -16.04 16.40
CA GLY A 323 -7.50 -14.93 17.11
C GLY A 323 -8.43 -14.02 17.91
N LEU A 324 -9.62 -14.52 18.22
CA LEU A 324 -10.63 -13.75 18.98
C LEU A 324 -10.98 -14.38 20.30
N PRO A 325 -10.59 -13.72 21.41
CA PRO A 325 -10.83 -14.28 22.72
C PRO A 325 -12.26 -14.04 23.11
N VAL A 326 -13.10 -15.07 23.15
CA VAL A 326 -14.50 -14.92 23.55
C VAL A 326 -14.84 -15.68 24.81
N GLY A 327 -13.87 -16.31 25.45
CA GLY A 327 -14.15 -17.26 26.52
C GLY A 327 -14.69 -16.64 27.81
N GLU A 328 -15.46 -17.42 28.56
CA GLU A 328 -15.93 -17.02 29.89
C GLU A 328 -15.73 -18.16 30.86
N HIS A 329 -14.70 -18.04 31.69
CA HIS A 329 -14.32 -19.07 32.64
C HIS A 329 -13.36 -18.38 33.56
N ALA A 330 -12.82 -19.11 34.52
CA ALA A 330 -11.90 -18.58 35.49
C ALA A 330 -10.62 -18.09 34.85
N SER A 331 -9.98 -18.93 34.05
CA SER A 331 -8.70 -18.55 33.42
C SER A 331 -8.96 -17.43 32.40
N PRO A 332 -7.91 -16.71 31.97
CA PRO A 332 -8.09 -15.62 31.01
C PRO A 332 -8.70 -16.09 29.69
N ALA A 333 -9.46 -15.23 29.04
CA ALA A 333 -9.86 -15.47 27.66
C ALA A 333 -8.60 -15.31 26.80
N GLY A 334 -8.57 -15.94 25.64
CA GLY A 334 -7.39 -15.81 24.80
C GLY A 334 -7.67 -16.21 23.37
N PRO A 335 -6.76 -15.91 22.45
CA PRO A 335 -5.49 -15.29 22.71
C PRO A 335 -5.54 -13.78 22.98
N GLN A 336 -4.64 -13.33 23.85
CA GLN A 336 -4.33 -11.93 24.05
C GLN A 336 -2.84 -11.79 23.88
N THR A 337 -2.42 -10.95 22.94
CA THR A 337 -1.04 -10.90 22.55
C THR A 337 -0.40 -9.58 22.72
N THR A 338 0.92 -9.59 22.86
CA THR A 338 1.70 -8.38 22.58
C THR A 338 2.19 -8.37 21.13
N VAL A 339 2.57 -7.18 20.74
CA VAL A 339 3.16 -6.98 19.43
C VAL A 339 4.49 -7.70 19.37
N GLN A 341 5.23 -10.44 21.05
CA GLN A 341 4.93 -11.89 20.88
C GLN A 341 4.61 -12.18 19.41
N ASN A 342 3.94 -11.24 18.72
CA ASN A 342 3.65 -11.44 17.32
C ASN A 342 4.91 -11.48 16.49
N ALA A 343 5.87 -10.59 16.77
CA ALA A 343 7.12 -10.64 16.07
C ALA A 343 7.84 -11.97 16.36
N VAL A 344 7.81 -12.45 17.61
CA VAL A 344 8.52 -13.71 17.94
C VAL A 344 7.92 -14.87 17.15
N ILE A 345 6.62 -14.86 16.92
CA ILE A 345 6.00 -15.91 16.09
C ILE A 345 6.49 -15.83 14.63
N ALA A 346 6.52 -14.62 14.07
CA ALA A 346 6.90 -14.49 12.69
C ALA A 346 8.37 -14.91 12.55
N ALA A 347 9.17 -14.47 13.51
CA ALA A 347 10.59 -14.84 13.59
C ALA A 347 10.80 -16.33 13.63
N ALA A 348 10.06 -17.02 14.48
CA ALA A 348 10.19 -18.46 14.61
C ALA A 348 9.87 -19.15 13.28
N ILE A 349 8.84 -18.67 12.58
CA ILE A 349 8.49 -19.23 11.29
C ILE A 349 9.57 -18.91 10.27
N ALA A 350 10.09 -17.69 10.34
CA ALA A 350 11.15 -17.28 9.41
C ALA A 350 12.47 -18.00 9.67
N ASN A 351 12.65 -18.51 10.89
CA ASN A 351 13.89 -19.14 11.35
C ASN A 351 13.77 -20.68 11.55
N GLY A 352 13.10 -21.33 10.62
CA GLY A 352 12.99 -22.79 10.65
C GLY A 352 12.34 -23.40 11.88
N GLY A 353 11.49 -22.63 12.58
CA GLY A 353 10.72 -23.11 13.71
C GLY A 353 11.32 -22.90 15.07
N VAL A 354 12.52 -22.33 15.10
CA VAL A 354 13.27 -22.12 16.31
C VAL A 354 12.96 -20.72 16.83
N VAL A 355 12.45 -20.66 18.05
CA VAL A 355 12.01 -19.47 18.70
C VAL A 355 13.20 -18.88 19.43
N ASN A 357 14.62 -15.94 22.19
CA ASN A 357 14.22 -14.96 23.21
C ASN A 357 14.74 -13.60 22.83
N PRO A 358 13.83 -12.64 22.51
CA PRO A 358 14.33 -11.37 22.03
C PRO A 358 15.15 -10.63 23.07
N TYR A 359 16.02 -9.75 22.59
CA TYR A 359 16.90 -9.00 23.46
C TYR A 359 17.21 -7.69 22.81
N ILE A 360 17.44 -6.69 23.65
CA ILE A 360 17.62 -5.35 23.17
C ILE A 360 18.98 -4.71 23.56
N VAL A 361 19.74 -5.36 24.45
CA VAL A 361 21.12 -4.96 24.74
C VAL A 361 22.18 -5.79 23.98
N ASP A 362 22.97 -5.12 23.14
CA ASP A 362 24.07 -5.84 22.47
C ASP A 362 25.21 -6.15 23.40
N ARG A 363 25.67 -5.11 24.08
CA ARG A 363 26.82 -5.20 24.96
C ARG A 363 26.92 -4.05 25.96
N VAL A 364 27.76 -4.28 26.95
CA VAL A 364 28.09 -3.29 27.97
C VAL A 364 29.53 -2.80 27.82
N LEU A 365 29.73 -1.51 27.97
CA LEU A 365 31.04 -0.93 27.87
C LEU A 365 31.42 -0.36 29.24
N SER A 366 32.67 -0.56 29.63
CA SER A 366 33.21 0.09 30.82
C SER A 366 33.37 1.58 30.50
N PRO A 367 33.45 2.42 31.55
CA PRO A 367 33.65 3.85 31.38
C PRO A 367 34.78 4.19 30.45
N GLU A 368 35.81 3.35 30.40
CA GLU A 368 36.97 3.62 29.54
C GLU A 368 36.74 3.12 28.11
N GLY A 369 35.68 2.34 27.90
CA GLY A 369 35.31 1.92 26.55
C GLY A 369 35.49 0.44 26.25
N ALA A 370 35.97 -0.33 27.21
CA ALA A 370 36.14 -1.78 27.00
C ALA A 370 34.83 -2.57 27.13
N VAL A 371 34.71 -3.61 26.31
CA VAL A 371 33.54 -4.48 26.39
C VAL A 371 33.54 -5.29 27.69
N VAL A 372 32.61 -4.99 28.56
CA VAL A 372 32.46 -5.75 29.79
C VAL A 372 31.74 -7.05 29.49
N SER A 373 30.71 -6.98 28.65
CA SER A 373 30.00 -8.20 28.29
C SER A 373 29.21 -8.05 27.01
N THR A 374 28.82 -9.21 26.51
CA THR A 374 28.08 -9.29 25.26
C THR A 374 26.91 -10.22 25.50
N THR A 375 25.76 -9.84 25.02
CA THR A 375 24.61 -10.69 25.11
C THR A 375 24.77 -11.87 24.16
N SER A 376 24.38 -13.07 24.58
CA SER A 376 24.30 -14.22 23.66
C SER A 376 22.84 -14.49 23.28
N PRO A 377 22.61 -14.81 22.01
CA PRO A 377 21.25 -15.14 21.61
C PRO A 377 20.88 -16.46 22.27
N LYS A 378 19.64 -16.62 22.68
CA LYS A 378 19.19 -17.82 23.36
C LYS A 378 17.85 -18.27 22.81
N SER A 379 17.69 -19.57 22.66
CA SER A 379 16.48 -20.11 22.09
C SER A 379 15.52 -20.48 23.19
N LEU A 380 14.24 -20.36 22.89
CA LEU A 380 13.18 -20.79 23.79
C LEU A 380 12.64 -22.13 23.32
N GLY A 381 13.30 -22.76 22.35
CA GLY A 381 12.95 -24.09 21.90
C GLY A 381 12.47 -24.10 20.48
N GLN A 382 12.03 -25.25 20.02
CA GLN A 382 11.60 -25.40 18.67
C GLN A 382 10.12 -25.61 18.67
N ALA A 383 9.37 -24.67 18.14
CA ALA A 383 7.94 -24.72 18.27
C ALA A 383 7.31 -25.62 17.20
N VAL A 384 7.89 -25.64 16.00
CA VAL A 384 7.39 -26.54 14.96
C VAL A 384 8.61 -27.02 14.21
N SER A 385 8.46 -28.11 13.48
CA SER A 385 9.57 -28.64 12.72
C SER A 385 9.97 -27.67 11.63
N ALA A 386 11.14 -27.89 11.07
CA ALA A 386 11.58 -27.08 9.94
C ALA A 386 10.67 -27.24 8.71
N ASP A 387 10.27 -28.47 8.40
CA ASP A 387 9.29 -28.70 7.36
C ASP A 387 8.01 -27.90 7.59
N THR A 388 7.53 -27.89 8.82
CA THR A 388 6.32 -27.15 9.06
C THR A 388 6.51 -25.68 8.79
N ALA A 389 7.63 -25.12 9.26
CA ALA A 389 7.88 -23.71 9.07
C ALA A 389 7.93 -23.28 7.62
N ALA A 390 8.52 -24.11 6.79
CA ALA A 390 8.56 -23.87 5.34
C ALA A 390 7.20 -23.80 4.75
N GLN A 391 6.33 -24.72 5.13
CA GLN A 391 4.92 -24.66 4.69
C GLN A 391 4.21 -23.38 5.19
N VAL A 392 4.45 -22.98 6.42
CA VAL A 392 3.82 -21.77 6.89
C VAL A 392 4.37 -20.54 6.17
N ARG A 393 5.68 -20.50 5.91
CA ARG A 393 6.25 -19.40 5.20
C ARG A 393 5.64 -19.28 3.82
N GLU A 394 5.51 -20.41 3.12
CA GLU A 394 4.86 -20.39 1.80
C GLU A 394 3.41 -19.87 1.88
N ALA A 395 2.70 -20.22 2.93
CA ALA A 395 1.31 -19.78 3.02
C ALA A 395 1.26 -18.27 3.25
N LEU A 397 3.50 -16.15 2.14
CA LEU A 397 3.86 -15.49 0.90
C LEU A 397 2.58 -15.25 0.09
N GLY A 398 1.68 -16.23 0.06
CA GLY A 398 0.39 -16.12 -0.57
C GLY A 398 -0.48 -14.99 -0.09
N VAL A 399 -0.42 -14.75 1.20
CA VAL A 399 -1.18 -13.68 1.82
C VAL A 399 -0.80 -12.39 1.13
N VAL A 400 0.50 -12.18 0.90
CA VAL A 400 0.97 -10.92 0.36
C VAL A 400 0.88 -10.85 -1.15
N GLU A 401 1.13 -11.98 -1.84
CA GLU A 401 1.04 -11.99 -3.31
C GLU A 401 -0.37 -11.98 -3.85
N SER A 402 -1.28 -12.64 -3.18
CA SER A 402 -2.59 -12.78 -3.75
C SER A 402 -3.73 -12.71 -2.74
N GLY A 403 -3.48 -12.33 -1.50
CA GLY A 403 -4.60 -12.29 -0.57
C GLY A 403 -4.76 -10.96 0.15
N THR A 404 -5.08 -11.03 1.43
CA THR A 404 -5.41 -9.84 2.22
C THR A 404 -4.19 -8.94 2.43
N GLY A 405 -2.98 -9.43 2.16
CA GLY A 405 -1.76 -8.66 2.44
C GLY A 405 -1.07 -7.94 1.30
N GLY A 407 -1.30 -5.09 0.14
CA GLY A 407 -0.78 -3.79 0.52
C GLY A 407 0.64 -3.74 1.05
N ALA A 408 1.13 -4.89 1.52
CA ALA A 408 2.53 -5.01 1.96
C ALA A 408 3.52 -5.28 0.84
N ARG A 409 3.04 -5.50 -0.38
CA ARG A 409 3.95 -5.70 -1.48
C ARG A 409 4.91 -4.56 -1.71
N VAL A 410 6.13 -4.92 -2.05
CA VAL A 410 7.17 -3.98 -2.35
C VAL A 410 7.79 -4.44 -3.65
N PRO A 411 7.74 -3.60 -4.70
CA PRO A 411 8.31 -4.06 -5.99
C PRO A 411 9.77 -4.44 -5.78
N GLY A 412 10.19 -5.59 -6.30
CA GLY A 412 11.58 -5.98 -6.25
C GLY A 412 11.96 -6.92 -5.11
N VAL A 413 11.12 -7.03 -4.09
CA VAL A 413 11.36 -7.98 -3.00
C VAL A 413 10.12 -8.83 -2.70
N LYS A 414 10.35 -10.12 -2.42
CA LYS A 414 9.28 -11.01 -1.98
C LYS A 414 9.08 -10.83 -0.48
N ILE A 415 7.88 -10.42 -0.10
CA ILE A 415 7.52 -10.22 1.30
C ILE A 415 6.44 -11.18 1.61
N ALA A 416 6.48 -11.73 2.81
CA ALA A 416 5.51 -12.67 3.28
C ALA A 416 4.91 -12.21 4.58
N GLY A 417 3.67 -12.59 4.85
CA GLY A 417 3.13 -12.34 6.17
C GLY A 417 1.72 -12.77 6.44
N LYS A 418 1.15 -12.20 7.50
CA LYS A 418 -0.25 -12.45 7.80
C LYS A 418 -0.81 -11.18 8.41
N THR A 419 -2.01 -10.83 8.00
CA THR A 419 -2.73 -9.68 8.46
C THR A 419 -3.75 -10.10 9.50
N GLY A 420 -4.30 -9.09 10.19
CA GLY A 420 -5.49 -9.29 10.95
C GLY A 420 -6.19 -7.98 11.18
N THR A 421 -7.47 -8.10 11.53
CA THR A 421 -8.25 -6.96 11.91
C THR A 421 -9.09 -7.40 13.07
N ALA A 422 -9.05 -6.65 14.18
CA ALA A 422 -9.77 -7.04 15.38
C ALA A 422 -10.70 -5.94 15.81
N ASP A 423 -11.98 -6.30 15.98
CA ASP A 423 -12.96 -5.29 16.32
C ASP A 423 -12.93 -5.16 17.82
N VAL A 424 -12.64 -3.96 18.26
CA VAL A 424 -12.70 -3.66 19.66
C VAL A 424 -13.83 -2.63 19.79
N GLU A 425 -14.26 -2.36 21.01
CA GLU A 425 -15.57 -1.73 21.20
C GLU A 425 -15.84 -0.43 20.40
N ASN A 426 -17.11 -0.06 20.37
CA ASN A 426 -17.57 1.24 19.86
C ASN A 426 -17.19 1.57 18.40
N GLY A 427 -17.12 0.54 17.55
CA GLY A 427 -16.75 0.73 16.15
C GLY A 427 -15.27 1.01 15.94
N ASN A 428 -14.47 0.70 16.97
CA ASN A 428 -13.02 0.80 16.87
C ASN A 428 -12.47 -0.50 16.35
N PHE A 429 -11.45 -0.43 15.51
CA PHE A 429 -10.75 -1.63 15.19
C PHE A 429 -9.29 -1.39 15.01
N ASN A 430 -8.56 -2.48 15.19
CA ASN A 430 -7.12 -2.51 15.14
C ASN A 430 -6.68 -3.36 13.95
N SER A 431 -5.60 -2.92 13.28
CA SER A 431 -5.09 -3.59 12.10
C SER A 431 -3.72 -4.12 12.43
N PHE A 432 -3.49 -5.39 12.14
CA PHE A 432 -2.25 -6.07 12.45
C PHE A 432 -1.56 -6.58 11.20
N PHE A 433 -0.26 -6.72 11.30
CA PHE A 433 0.54 -7.42 10.32
C PHE A 433 1.82 -7.93 10.96
N ILE A 434 2.13 -9.19 10.65
CA ILE A 434 3.44 -9.76 10.97
C ILE A 434 4.00 -10.29 9.66
N GLY A 435 5.28 -10.09 9.45
CA GLY A 435 5.84 -10.55 8.19
C GLY A 435 7.32 -10.59 8.24
N PHE A 436 7.89 -11.03 7.13
CA PHE A 436 9.32 -11.14 7.03
C PHE A 436 9.81 -11.01 5.62
N ALA A 437 11.09 -10.70 5.49
CA ALA A 437 11.72 -10.51 4.19
C ALA A 437 13.25 -10.67 4.27
N PRO A 438 13.91 -11.03 3.15
CA PRO A 438 13.23 -11.42 1.90
C PRO A 438 12.66 -12.79 2.12
N TYR A 439 11.74 -13.24 1.28
CA TYR A 439 11.18 -14.57 1.45
C TYR A 439 12.19 -15.73 1.56
N ASP A 440 13.16 -15.81 0.63
CA ASP A 440 14.00 -17.01 0.55
C ASP A 440 15.06 -17.15 1.65
N HIS A 441 15.63 -16.05 2.10
CA HIS A 441 16.55 -16.15 3.22
C HIS A 441 16.27 -14.94 4.11
N PRO A 442 15.24 -15.03 4.92
CA PRO A 442 14.75 -13.88 5.67
C PRO A 442 15.80 -13.29 6.57
N THR A 443 15.98 -11.97 6.56
CA THR A 443 16.84 -11.34 7.56
C THR A 443 16.13 -10.31 8.43
N LEU A 444 14.87 -10.04 8.16
CA LEU A 444 14.10 -9.13 8.96
C LEU A 444 12.72 -9.61 9.17
N VAL A 445 12.22 -9.34 10.35
CA VAL A 445 10.82 -9.55 10.68
C VAL A 445 10.22 -8.23 11.18
N VAL A 446 8.94 -7.99 10.89
CA VAL A 446 8.19 -6.84 11.42
C VAL A 446 6.88 -7.31 12.06
N SER A 447 6.44 -6.63 13.10
CA SER A 447 5.16 -6.82 13.72
C SER A 447 4.56 -5.43 13.94
N VAL A 448 3.30 -5.24 13.55
CA VAL A 448 2.63 -3.99 13.57
C VAL A 448 1.25 -4.12 14.18
N VAL A 449 0.86 -3.10 14.96
CA VAL A 449 -0.53 -2.83 15.20
C VAL A 449 -0.81 -1.33 14.94
N ILE A 450 -1.85 -1.07 14.18
CA ILE A 450 -2.32 0.30 13.97
C ILE A 450 -3.70 0.34 14.59
N GLU A 451 -3.85 1.20 15.61
CA GLU A 451 -5.11 1.35 16.32
C GLU A 451 -6.04 2.30 15.57
N GLY A 452 -7.26 1.87 15.35
CA GLY A 452 -8.18 2.72 14.61
C GLY A 452 -8.83 3.80 15.44
N ASN A 453 -9.28 3.42 16.64
CA ASN A 453 -10.23 4.24 17.45
C ASN A 453 -11.12 5.27 16.71
N GLY A 454 -12.22 4.77 16.15
CA GLY A 454 -13.15 5.59 15.40
C GLY A 454 -12.89 5.40 13.92
N GLU A 455 -11.65 5.64 13.53
CA GLU A 455 -11.27 5.48 12.14
C GLU A 455 -11.18 4.02 11.70
N ASN A 456 -11.58 3.78 10.47
CA ASN A 456 -11.38 2.52 9.80
C ASN A 456 -9.92 2.48 9.33
N VAL A 457 -9.21 1.41 9.66
CA VAL A 457 -7.80 1.30 9.33
C VAL A 457 -7.56 -0.03 8.65
N LEU A 458 -8.59 -0.51 7.96
CA LEU A 458 -8.52 -1.76 7.28
C LEU A 458 -7.30 -1.81 6.37
N GLY A 459 -6.46 -2.81 6.61
CA GLY A 459 -5.31 -3.07 5.77
C GLY A 459 -4.14 -2.17 6.08
N TYR A 460 -4.28 -1.28 7.06
CA TYR A 460 -3.20 -0.33 7.31
C TYR A 460 -1.94 -1.02 7.90
N GLY A 461 -2.13 -2.07 8.70
CA GLY A 461 -1.02 -2.82 9.30
C GLY A 461 -0.12 -3.35 8.16
N ALA A 462 -0.74 -3.96 7.18
CA ALA A 462 -0.01 -4.41 6.02
C ALA A 462 0.74 -3.34 5.24
N GLN A 463 0.13 -2.18 4.99
CA GLN A 463 0.79 -1.16 4.24
C GLN A 463 1.95 -0.63 5.02
N VAL A 464 1.78 -0.51 6.32
CA VAL A 464 2.86 0.02 7.18
C VAL A 464 3.99 -1.04 7.26
N GLY A 465 3.62 -2.29 7.44
CA GLY A 465 4.55 -3.43 7.49
C GLY A 465 5.46 -3.53 6.28
N GLY A 466 4.88 -3.51 5.09
CA GLY A 466 5.67 -3.50 3.87
C GLY A 466 6.59 -2.33 3.72
N ARG A 467 6.09 -1.18 4.05
CA ARG A 467 6.84 0.02 3.96
C ARG A 467 8.05 -0.04 4.87
N VAL A 468 7.85 -0.48 6.09
CA VAL A 468 8.95 -0.59 7.07
C VAL A 468 9.97 -1.64 6.59
N LEU A 469 9.52 -2.82 6.21
CA LEU A 469 10.44 -3.83 5.70
C LEU A 469 11.32 -3.34 4.53
N ALA A 470 10.72 -2.65 3.55
CA ALA A 470 11.47 -2.16 2.40
C ALA A 470 12.54 -1.16 2.79
N GLN A 471 12.17 -0.15 3.55
CA GLN A 471 13.14 0.84 4.01
C GLN A 471 14.23 0.21 4.89
N CYS A 472 13.84 -0.71 5.78
CA CYS A 472 14.85 -1.35 6.62
C CYS A 472 15.76 -2.28 5.81
N LEU A 473 15.24 -2.93 4.77
CA LEU A 473 16.08 -3.76 3.93
C LEU A 473 17.18 -2.91 3.26
N ASN A 474 16.81 -1.70 2.80
CA ASN A 474 17.73 -0.80 2.17
C ASN A 474 18.78 -0.27 3.14
N ILE A 475 18.37 0.00 4.36
CA ILE A 475 19.34 0.42 5.38
C ILE A 475 20.31 -0.73 5.64
N GLN A 476 19.76 -1.94 5.74
CA GLN A 476 20.57 -3.14 5.82
C GLN A 476 21.62 -3.18 4.70
N ALA A 477 21.19 -2.86 3.50
CA ALA A 477 22.04 -2.93 2.34
C ALA A 477 23.18 -1.97 2.53
N LEU A 478 22.82 -0.76 2.93
CA LEU A 478 23.71 0.32 3.39
C LEU A 478 23.64 1.54 2.50
N SER B 51 20.28 4.95 -47.23
CA SER B 51 19.15 3.98 -47.17
C SER B 51 18.76 3.63 -45.69
N ALA B 52 19.37 2.58 -45.14
CA ALA B 52 19.41 2.32 -43.70
C ALA B 52 20.90 2.20 -43.29
N TYR B 53 21.67 3.21 -43.66
CA TYR B 53 23.05 3.33 -43.25
C TYR B 53 23.17 4.56 -42.36
N VAL B 54 22.03 5.16 -42.01
CA VAL B 54 21.98 6.36 -41.19
C VAL B 54 21.43 5.98 -39.82
N GLN B 55 22.17 6.33 -38.76
CA GLN B 55 21.76 6.04 -37.39
C GLN B 55 20.45 6.74 -36.98
N ARG B 56 19.50 5.96 -36.48
CA ARG B 56 18.25 6.47 -35.96
C ARG B 56 18.51 7.00 -34.55
N GLY B 57 17.79 8.04 -34.15
CA GLY B 57 17.92 8.61 -32.80
C GLY B 57 17.54 7.65 -31.67
N ALA B 58 17.87 8.01 -30.44
CA ALA B 58 17.50 7.18 -29.29
C ALA B 58 16.19 7.66 -28.67
N ILE B 59 15.63 6.83 -27.79
CA ILE B 59 14.48 7.16 -26.98
C ILE B 59 14.90 6.94 -25.55
N ILE B 60 14.83 8.01 -24.74
CA ILE B 60 15.32 7.99 -23.36
C ILE B 60 14.28 8.58 -22.40
N THR B 61 14.17 7.99 -21.22
CA THR B 61 13.27 8.51 -20.19
C THR B 61 13.77 9.82 -19.62
N SER B 62 12.91 10.50 -18.86
CA SER B 62 13.24 11.76 -18.22
C SER B 62 14.44 11.61 -17.29
N ASP B 63 14.51 10.46 -16.61
CA ASP B 63 15.58 10.22 -15.65
C ASP B 63 16.69 9.36 -16.21
N GLY B 64 17.15 9.70 -17.42
CA GLY B 64 18.36 9.12 -17.97
C GLY B 64 18.32 7.74 -18.59
N VAL B 65 17.32 6.92 -18.33
CA VAL B 65 17.34 5.54 -18.83
C VAL B 65 17.05 5.45 -20.33
N THR B 66 17.87 4.69 -21.04
CA THR B 66 17.71 4.51 -22.47
C THR B 66 16.83 3.31 -22.75
N LEU B 67 15.84 3.49 -23.61
CA LEU B 67 14.91 2.41 -23.92
C LEU B 67 14.97 1.91 -25.37
N ALA B 68 15.49 2.75 -26.26
CA ALA B 68 15.70 2.40 -27.66
C ALA B 68 16.91 3.13 -28.20
N GLU B 69 17.63 2.48 -29.13
CA GLU B 69 19.03 2.73 -29.36
C GLU B 69 19.56 1.96 -30.59
N SER B 70 20.09 2.68 -31.57
CA SER B 70 20.67 2.07 -32.76
C SER B 70 22.16 1.78 -32.56
N VAL B 71 22.56 0.52 -32.80
CA VAL B 71 23.94 0.06 -32.60
C VAL B 71 24.72 -0.12 -33.91
N LYS B 72 25.91 0.47 -33.95
CA LYS B 72 26.82 0.45 -35.09
C LYS B 72 27.24 -0.99 -35.46
N GLN B 73 27.11 -1.36 -36.74
CA GLN B 73 27.52 -2.72 -37.17
C GLN B 73 28.46 -2.75 -38.35
N ASP B 74 29.12 -3.91 -38.52
CA ASP B 74 30.23 -4.07 -39.48
C ASP B 74 29.83 -3.90 -40.92
N ASP B 75 28.81 -4.65 -41.34
CA ASP B 75 28.14 -4.46 -42.63
C ASP B 75 28.14 -2.99 -43.10
N THR B 77 25.84 -0.08 -41.17
CA THR B 77 24.46 -0.43 -40.79
C THR B 77 24.27 -0.62 -39.27
N TYR B 78 23.02 -0.58 -38.85
CA TYR B 78 22.64 -0.47 -37.44
C TYR B 78 21.41 -1.34 -37.09
N VAL B 79 21.51 -2.23 -36.09
CA VAL B 79 20.31 -2.93 -35.58
C VAL B 79 19.68 -2.08 -34.47
N ARG B 80 18.37 -2.17 -34.36
CA ARG B 80 17.69 -1.49 -33.28
C ARG B 80 17.78 -2.36 -32.04
N ASN B 81 18.21 -1.74 -30.95
CA ASN B 81 18.36 -2.42 -29.68
C ASN B 81 17.40 -1.86 -28.63
N TYR B 82 17.01 -2.69 -27.66
CA TYR B 82 16.05 -2.32 -26.66
C TYR B 82 16.51 -2.73 -25.27
N PRO B 83 17.37 -1.90 -24.65
CA PRO B 83 17.69 -2.15 -23.26
C PRO B 83 16.46 -2.11 -22.38
N HIS B 84 16.48 -2.88 -21.30
CA HIS B 84 15.33 -3.02 -20.44
C HIS B 84 14.13 -3.36 -21.30
N ASP B 85 14.36 -4.22 -22.27
CA ASP B 85 13.34 -4.59 -23.21
C ASP B 85 12.16 -5.03 -22.39
N GLY B 86 11.03 -4.44 -22.68
CA GLY B 86 9.76 -4.84 -22.04
C GLY B 86 9.20 -3.75 -21.17
N ALA B 88 7.70 -0.17 -20.62
CA ALA B 88 6.98 0.81 -21.45
C ALA B 88 6.91 0.46 -22.94
N SER B 89 6.77 -0.81 -23.25
CA SER B 89 6.81 -1.28 -24.63
C SER B 89 5.90 -0.52 -25.60
N HIS B 90 4.63 -0.42 -25.24
CA HIS B 90 3.63 0.23 -26.11
C HIS B 90 3.99 1.66 -26.39
N THR B 91 4.55 2.35 -25.42
CA THR B 91 4.98 3.74 -25.59
C THR B 91 6.23 3.87 -26.46
N VAL B 92 7.20 2.99 -26.23
CA VAL B 92 8.40 2.97 -27.06
C VAL B 92 8.07 2.66 -28.50
N GLY B 93 7.26 1.64 -28.70
CA GLY B 93 6.76 1.36 -30.02
C GLY B 93 7.67 0.53 -30.91
N TYR B 94 7.34 0.56 -32.19
CA TYR B 94 7.98 -0.26 -33.19
C TYR B 94 7.46 0.09 -34.56
N ILE B 95 8.25 -0.33 -35.53
CA ILE B 95 7.94 -0.20 -36.91
C ILE B 95 8.22 -1.57 -37.42
N SER B 96 7.17 -2.30 -37.80
CA SER B 96 7.24 -3.70 -38.19
C SER B 96 6.33 -3.94 -39.38
N THR B 97 6.82 -4.59 -40.41
CA THR B 97 6.03 -4.82 -41.60
C THR B 97 4.77 -5.61 -41.22
N GLN B 98 4.99 -6.63 -40.41
CA GLN B 98 3.92 -7.53 -40.01
C GLN B 98 2.94 -6.89 -39.03
N TYR B 99 3.51 -6.19 -38.07
CA TYR B 99 2.75 -5.66 -36.92
C TYR B 99 2.36 -4.19 -37.02
N GLY B 100 2.88 -3.47 -37.98
CA GLY B 100 2.47 -2.08 -38.25
C GLY B 100 3.39 -1.17 -37.49
N THR B 101 2.89 0.04 -37.16
CA THR B 101 3.67 1.00 -36.39
C THR B 101 2.92 1.42 -35.16
N ALA B 102 3.66 1.88 -34.16
CA ALA B 102 3.08 2.22 -32.91
C ALA B 102 4.09 3.00 -32.09
N GLY B 103 3.57 3.68 -31.07
CA GLY B 103 4.39 4.40 -30.12
C GLY B 103 5.19 5.54 -30.70
N ILE B 104 6.21 5.93 -29.94
CA ILE B 104 7.17 6.96 -30.29
C ILE B 104 8.00 6.62 -31.53
N GLU B 105 8.40 5.37 -31.69
CA GLU B 105 9.03 4.92 -32.95
C GLU B 105 8.24 5.42 -34.16
N SER B 106 6.95 5.21 -34.15
CA SER B 106 6.11 5.73 -35.22
C SER B 106 6.05 7.24 -35.09
N SER B 107 5.33 7.70 -34.07
CA SER B 107 4.87 9.08 -34.00
C SER B 107 5.98 10.15 -33.96
N ASN B 109 8.90 9.60 -35.86
CA ASN B 109 9.80 8.95 -36.80
C ASN B 109 10.61 9.97 -37.62
N GLU B 110 9.91 10.98 -38.14
CA GLU B 110 10.54 12.11 -38.82
C GLU B 110 11.77 12.57 -38.06
N THR B 111 11.59 12.76 -36.76
CA THR B 111 12.63 13.26 -35.87
C THR B 111 13.76 12.28 -35.61
N LEU B 112 13.42 11.01 -35.41
CA LEU B 112 14.47 10.04 -35.16
C LEU B 112 15.24 9.73 -36.46
N THR B 113 14.53 9.82 -37.60
CA THR B 113 15.16 9.83 -38.96
C THR B 113 16.00 8.60 -39.19
N ARG B 122 25.56 14.51 -52.98
CA ARG B 122 26.00 13.85 -51.75
C ARG B 122 25.16 12.69 -51.33
N SER B 123 23.86 12.91 -51.25
CA SER B 123 22.96 11.82 -50.89
C SER B 123 23.04 10.71 -51.94
N ALA B 124 23.56 11.04 -53.12
CA ALA B 124 23.72 10.08 -54.19
C ALA B 124 24.73 8.97 -53.89
N LEU B 125 25.46 9.05 -52.77
CA LEU B 125 26.50 8.08 -52.47
C LEU B 125 26.23 7.43 -51.14
N TYR B 126 25.99 6.13 -51.15
CA TYR B 126 25.59 5.44 -49.91
C TYR B 126 26.73 5.34 -48.92
N SER B 127 27.97 5.40 -49.42
CA SER B 127 29.15 5.41 -48.58
C SER B 127 29.27 6.69 -47.76
N ALA B 129 26.55 8.18 -46.36
CA ALA B 129 25.34 8.33 -45.55
C ALA B 129 25.63 8.48 -44.04
N GLY B 130 26.59 7.70 -43.53
CA GLY B 130 26.99 7.83 -42.12
C GLY B 130 27.55 9.21 -41.77
N ILE B 131 28.24 9.85 -42.71
CA ILE B 131 29.06 11.03 -42.44
C ILE B 131 28.25 12.25 -41.97
N ASN B 132 27.16 12.56 -42.66
CA ASN B 132 26.31 13.68 -42.23
C ASN B 132 25.31 13.29 -41.14
N THR B 133 24.16 12.76 -41.54
CA THR B 133 23.05 12.59 -40.63
C THR B 133 23.44 11.70 -39.47
N THR B 134 22.77 11.98 -38.37
CA THR B 134 22.53 11.02 -37.32
C THR B 134 21.09 11.36 -36.98
N GLY B 135 20.43 10.52 -36.19
CA GLY B 135 19.09 10.83 -35.72
C GLY B 135 19.17 11.77 -34.54
N SER B 136 18.18 12.66 -34.40
CA SER B 136 18.08 13.43 -33.17
C SER B 136 17.30 12.56 -32.18
N SER B 137 17.64 12.68 -30.89
CA SER B 137 17.09 11.84 -29.83
C SER B 137 15.86 12.45 -29.18
N VAL B 138 15.11 11.58 -28.52
CA VAL B 138 13.85 11.93 -27.95
C VAL B 138 13.88 11.58 -26.47
N VAL B 139 13.71 12.61 -25.64
CA VAL B 139 13.60 12.41 -24.20
C VAL B 139 12.13 12.48 -23.79
N LEU B 140 11.70 11.44 -23.10
CA LEU B 140 10.32 11.31 -22.70
C LEU B 140 10.05 11.90 -21.34
N THR B 141 8.81 12.27 -21.09
CA THR B 141 8.37 12.72 -19.75
C THR B 141 8.26 11.56 -18.78
N ILE B 142 8.24 10.35 -19.30
CA ILE B 142 8.17 9.16 -18.49
C ILE B 142 9.34 9.04 -17.50
N ASN B 143 9.00 8.67 -16.27
CA ASN B 143 9.97 8.40 -15.24
C ASN B 143 10.09 6.90 -15.02
N SER B 144 11.31 6.38 -15.11
CA SER B 144 11.53 4.91 -15.08
C SER B 144 11.12 4.26 -13.78
N GLN B 145 11.18 5.00 -12.69
CA GLN B 145 10.74 4.40 -11.43
C GLN B 145 9.22 4.34 -11.28
N GLN B 147 7.25 4.31 -13.79
CA GLN B 147 6.92 3.30 -14.80
C GLN B 147 6.98 1.87 -14.27
N ALA B 148 8.08 1.54 -13.60
CA ALA B 148 8.22 0.24 -12.94
C ALA B 148 7.13 0.05 -11.90
N VAL B 149 6.80 1.11 -11.16
CA VAL B 149 5.71 1.00 -10.20
C VAL B 149 4.39 0.66 -10.90
N ALA B 150 4.08 1.39 -11.95
CA ALA B 150 2.87 1.08 -12.70
C ALA B 150 2.85 -0.33 -13.30
N GLU B 151 3.96 -0.74 -13.89
CA GLU B 151 4.02 -2.07 -14.50
C GLU B 151 3.86 -3.17 -13.49
N ALA B 152 4.48 -2.98 -12.33
CA ALA B 152 4.35 -3.94 -11.23
C ALA B 152 2.91 -4.08 -10.72
N ALA B 153 2.20 -2.97 -10.66
CA ALA B 153 0.82 -2.99 -10.17
C ALA B 153 -0.09 -3.75 -11.12
N LEU B 154 0.26 -3.84 -12.39
CA LEU B 154 -0.58 -4.58 -13.35
C LEU B 154 -0.24 -6.08 -13.49
N GLN B 155 0.72 -6.58 -12.73
CA GLN B 155 1.07 -8.02 -12.89
C GLN B 155 -0.13 -8.89 -12.55
N GLY B 156 -0.42 -9.83 -13.44
CA GLY B 156 -1.54 -10.73 -13.24
C GLY B 156 -2.90 -10.23 -13.68
N TYR B 157 -2.99 -9.07 -14.32
CA TYR B 157 -4.24 -8.68 -14.98
C TYR B 157 -4.00 -8.04 -16.26
N SER B 158 -5.06 -7.93 -16.99
CA SER B 158 -5.05 -7.08 -18.12
C SER B 158 -5.61 -5.77 -17.66
N GLY B 159 -5.04 -4.71 -18.20
CA GLY B 159 -5.56 -3.36 -18.01
C GLY B 159 -4.51 -2.32 -18.31
N SER B 160 -4.64 -1.17 -17.65
CA SER B 160 -3.69 -0.12 -17.86
C SER B 160 -3.76 0.89 -16.74
N ILE B 161 -2.71 1.69 -16.67
CA ILE B 161 -2.49 2.70 -15.68
C ILE B 161 -1.85 3.84 -16.37
N VAL B 162 -2.30 5.07 -16.08
CA VAL B 162 -1.60 6.28 -16.48
C VAL B 162 -1.34 7.09 -15.23
N VAL B 163 -0.16 7.69 -15.13
CA VAL B 163 0.14 8.67 -14.07
C VAL B 163 0.58 9.92 -14.79
N ASP B 165 1.12 14.48 -14.46
CA ASP B 165 1.22 15.72 -13.74
C ASP B 165 0.00 16.58 -14.06
N PRO B 166 -0.82 16.91 -13.08
CA PRO B 166 -2.06 17.60 -13.38
C PRO B 166 -1.89 19.02 -13.85
N SER B 167 -0.80 19.68 -13.51
CA SER B 167 -0.67 21.05 -13.93
C SER B 167 -0.18 21.15 -15.36
N THR B 168 0.44 20.11 -15.89
CA THR B 168 0.92 20.20 -17.27
C THR B 168 0.41 19.18 -18.26
N GLY B 169 -0.13 18.07 -17.78
CA GLY B 169 -0.49 16.97 -18.67
C GLY B 169 0.69 16.08 -19.01
N ALA B 170 1.86 16.32 -18.41
CA ALA B 170 2.99 15.42 -18.64
C ALA B 170 2.68 14.03 -18.11
N VAL B 171 2.94 13.03 -18.97
CA VAL B 171 2.70 11.67 -18.66
C VAL B 171 3.96 11.10 -18.05
N LEU B 172 3.84 10.71 -16.79
CA LEU B 172 4.99 10.23 -16.02
C LEU B 172 5.13 8.73 -15.97
N ALA B 173 3.99 8.04 -16.16
CA ALA B 173 3.99 6.60 -16.39
C ALA B 173 2.77 6.22 -17.19
N LYS B 174 2.93 5.18 -18.02
CA LYS B 174 1.90 4.75 -18.96
C LYS B 174 2.17 3.29 -19.22
N ALA B 175 1.29 2.43 -18.73
CA ALA B 175 1.52 1.03 -18.81
C ALA B 175 0.26 0.32 -19.19
N SER B 176 0.42 -0.63 -20.11
CA SER B 176 -0.68 -1.48 -20.58
C SER B 176 -0.31 -2.97 -20.35
N SER B 177 -1.29 -3.80 -20.05
CA SER B 177 -1.10 -5.22 -19.82
C SER B 177 -2.24 -6.05 -20.47
N PRO B 178 -1.89 -7.15 -21.15
CA PRO B 178 -0.52 -7.72 -21.25
C PRO B 178 0.40 -6.92 -22.13
N SER B 179 1.68 -7.04 -21.84
CA SER B 179 2.69 -6.38 -22.63
C SER B 179 3.45 -7.44 -23.38
N TYR B 180 4.53 -6.99 -23.97
CA TYR B 180 5.25 -7.79 -24.90
C TYR B 180 6.66 -7.21 -24.85
N THR B 181 7.64 -7.96 -25.37
CA THR B 181 9.01 -7.48 -25.54
C THR B 181 9.20 -7.38 -27.03
N HIS B 182 10.05 -6.46 -27.44
CA HIS B 182 10.45 -6.35 -28.84
C HIS B 182 11.12 -7.62 -29.37
N ALA B 183 11.75 -8.38 -28.49
CA ALA B 183 12.31 -9.67 -28.85
C ALA B 183 11.25 -10.60 -29.44
N GLU B 184 10.07 -10.64 -28.80
CA GLU B 184 8.99 -11.55 -29.23
C GLU B 184 8.36 -11.13 -30.54
N LEU B 185 8.50 -9.86 -30.92
CA LEU B 185 8.00 -9.43 -32.23
C LEU B 185 8.68 -10.24 -33.28
N GLY B 186 9.98 -10.45 -33.13
CA GLY B 186 10.73 -11.40 -33.96
C GLY B 186 10.14 -12.80 -34.20
N THR B 187 9.19 -13.25 -33.37
CA THR B 187 8.54 -14.56 -33.56
C THR B 187 7.25 -14.46 -34.40
N SER B 195 -3.92 -9.29 -28.46
CA SER B 195 -4.22 -8.79 -27.15
C SER B 195 -3.09 -7.92 -26.65
N GLN B 196 -1.91 -8.51 -26.55
CA GLN B 196 -0.68 -7.82 -26.11
C GLN B 196 -0.27 -6.61 -26.90
N LEU B 197 -0.67 -6.51 -28.16
CA LEU B 197 -0.30 -5.33 -28.97
C LEU B 197 -1.24 -4.13 -28.79
N VAL B 198 -2.44 -4.35 -28.31
CA VAL B 198 -3.33 -3.24 -27.94
C VAL B 198 -2.78 -2.38 -26.81
N ASP B 199 -2.69 -1.08 -27.03
CA ASP B 199 -2.33 -0.11 -25.98
C ASP B 199 -3.60 0.31 -25.27
N ARG B 200 -3.84 -0.30 -24.11
CA ARG B 200 -5.06 -0.08 -23.37
C ARG B 200 -5.16 1.25 -22.63
N THR B 201 -4.10 2.05 -22.69
CA THR B 201 -4.15 3.35 -22.12
C THR B 201 -4.83 4.29 -23.08
N THR B 202 -4.61 4.12 -24.39
CA THR B 202 -5.00 5.15 -25.36
C THR B 202 -5.79 4.64 -26.57
N GLN B 203 -5.79 3.34 -26.80
CA GLN B 203 -6.36 2.81 -28.02
C GLN B 203 -7.38 1.70 -27.76
N ALA B 204 -7.96 1.68 -26.58
CA ALA B 204 -9.05 0.78 -26.30
C ALA B 204 -10.12 1.62 -25.66
N LEU B 205 -11.35 1.40 -26.06
CA LEU B 205 -12.47 2.10 -25.42
C LEU B 205 -13.10 1.20 -24.44
N TYR B 206 -13.54 1.79 -23.33
CA TYR B 206 -14.27 1.14 -22.31
C TYR B 206 -15.51 1.95 -21.87
N SER B 207 -16.57 1.27 -21.50
CA SER B 207 -17.62 1.96 -20.73
C SER B 207 -16.98 2.40 -19.37
N PRO B 208 -16.95 3.71 -19.06
CA PRO B 208 -16.28 4.18 -17.82
C PRO B 208 -17.00 3.81 -16.51
N GLY B 209 -18.25 3.38 -16.62
CA GLY B 209 -19.07 3.14 -15.47
C GLY B 209 -19.05 4.38 -14.57
N SER B 210 -19.04 4.14 -13.29
CA SER B 210 -19.32 5.21 -12.32
C SER B 210 -18.19 6.20 -12.24
N SER B 211 -17.02 5.91 -12.84
CA SER B 211 -15.98 6.92 -12.89
C SER B 211 -16.44 8.17 -13.64
N PHE B 212 -17.34 7.99 -14.63
CA PHE B 212 -17.91 9.15 -15.41
C PHE B 212 -18.88 10.08 -14.56
N LYS B 213 -19.32 9.62 -13.39
CA LYS B 213 -20.13 10.48 -12.54
C LYS B 213 -19.40 11.72 -12.12
N THR B 214 -18.07 11.70 -12.18
CA THR B 214 -17.28 12.89 -11.98
C THR B 214 -17.72 14.00 -12.95
N VAL B 215 -17.99 13.63 -14.20
CA VAL B 215 -18.40 14.59 -15.22
C VAL B 215 -19.81 15.01 -14.92
N THR B 216 -20.68 14.05 -14.61
CA THR B 216 -22.07 14.40 -14.27
C THR B 216 -22.15 15.40 -13.10
N LEU B 217 -21.40 15.08 -12.04
CA LEU B 217 -21.33 15.86 -10.87
C LEU B 217 -20.77 17.23 -11.19
N ALA B 218 -19.66 17.29 -11.91
CA ALA B 218 -19.09 18.58 -12.25
C ALA B 218 -20.04 19.48 -13.04
N ALA B 219 -20.78 18.87 -13.98
CA ALA B 219 -21.67 19.63 -14.82
C ALA B 219 -22.88 20.13 -14.01
N GLY B 220 -23.35 19.30 -13.09
CA GLY B 220 -24.45 19.66 -12.19
C GLY B 220 -24.10 20.88 -11.33
N ILE B 221 -22.89 20.89 -10.82
CA ILE B 221 -22.44 21.98 -9.99
C ILE B 221 -22.16 23.19 -10.84
N ASP B 222 -21.52 23.02 -11.98
CA ASP B 222 -21.11 24.17 -12.78
C ASP B 222 -22.29 24.91 -13.40
N THR B 223 -23.39 24.21 -13.69
CA THR B 223 -24.56 24.86 -14.27
C THR B 223 -25.47 25.36 -13.12
N HIS B 224 -25.06 25.15 -11.88
CA HIS B 224 -25.77 25.67 -10.69
C HIS B 224 -27.11 25.06 -10.58
N LYS B 225 -27.19 23.79 -10.95
CA LYS B 225 -28.40 23.01 -10.81
C LYS B 225 -28.46 22.15 -9.55
N THR B 226 -27.34 22.00 -8.87
CA THR B 226 -27.29 21.22 -7.62
C THR B 226 -26.09 21.66 -6.79
N THR B 227 -25.95 21.11 -5.59
CA THR B 227 -24.81 21.37 -4.74
C THR B 227 -24.53 20.07 -4.01
N LEU B 228 -23.40 20.02 -3.34
CA LEU B 228 -23.01 18.81 -2.63
C LEU B 228 -23.96 18.47 -1.49
N ASP B 229 -24.66 19.48 -0.99
CA ASP B 229 -25.55 19.22 0.13
C ASP B 229 -27.01 19.10 -0.27
N THR B 230 -27.33 19.17 -1.56
CA THR B 230 -28.68 18.99 -2.05
C THR B 230 -29.01 17.51 -1.86
N THR B 231 -30.18 17.22 -1.33
CA THR B 231 -30.55 15.84 -1.04
C THR B 231 -31.25 15.23 -2.22
N TYR B 232 -31.05 13.93 -2.36
CA TYR B 232 -31.66 13.17 -3.44
C TYR B 232 -32.25 11.92 -2.86
N SER B 233 -33.35 11.51 -3.46
CA SER B 233 -33.88 10.20 -3.21
C SER B 233 -32.96 9.21 -3.92
N ALA B 234 -32.52 8.18 -3.20
CA ALA B 234 -31.62 7.16 -3.75
C ALA B 234 -32.16 5.74 -3.49
N PRO B 235 -33.30 5.41 -4.09
CA PRO B 235 -33.89 4.08 -3.89
C PRO B 235 -33.14 3.00 -4.69
N GLY B 236 -33.41 1.76 -4.32
CA GLY B 236 -32.74 0.61 -4.88
C GLY B 236 -33.12 0.48 -6.33
N THR B 237 -34.32 0.91 -6.65
CA THR B 237 -34.80 0.87 -8.00
C THR B 237 -35.72 2.05 -8.25
N GLU B 239 -37.94 4.21 -11.76
CA GLU B 239 -38.28 4.18 -13.15
C GLU B 239 -37.91 5.50 -13.72
N ILE B 240 -37.14 5.50 -14.78
CA ILE B 240 -36.79 6.75 -15.45
C ILE B 240 -36.91 6.56 -16.94
N GLY B 241 -37.68 7.42 -17.60
CA GLY B 241 -37.80 7.44 -19.07
C GLY B 241 -38.35 6.15 -19.62
N GLY B 242 -39.15 5.47 -18.80
CA GLY B 242 -39.77 4.22 -19.21
C GLY B 242 -38.93 3.00 -18.96
N GLY B 243 -37.68 3.18 -18.54
CA GLY B 243 -36.87 2.02 -18.13
C GLY B 243 -36.65 2.08 -16.64
N THR B 244 -35.89 1.12 -16.14
CA THR B 244 -35.55 1.00 -14.74
C THR B 244 -34.08 1.36 -14.56
N ILE B 245 -33.77 2.07 -13.48
CA ILE B 245 -32.42 2.33 -13.07
C ILE B 245 -32.33 1.66 -11.73
N HIS B 246 -31.17 1.15 -11.37
CA HIS B 246 -31.03 0.52 -10.08
C HIS B 246 -29.69 0.78 -9.44
N ASN B 247 -29.70 0.92 -8.13
CA ASN B 247 -28.48 0.90 -7.37
C ASN B 247 -27.94 -0.50 -7.34
N TYR B 248 -26.63 -0.58 -7.09
CA TYR B 248 -25.97 -1.84 -6.83
C TYR B 248 -26.74 -2.62 -5.79
N ALA B 249 -26.98 -3.91 -6.07
CA ALA B 249 -27.75 -4.80 -5.18
C ALA B 249 -29.13 -4.24 -4.80
N ASN B 250 -29.71 -3.40 -5.63
CA ASN B 250 -30.92 -2.70 -5.27
C ASN B 250 -30.93 -2.12 -3.85
N GLU B 251 -29.80 -1.59 -3.39
CA GLU B 251 -29.78 -0.97 -2.08
C GLU B 251 -30.62 0.29 -2.04
N ASP B 252 -31.56 0.30 -1.12
CA ASP B 252 -32.39 1.44 -0.92
C ASP B 252 -31.65 2.29 0.09
N GLY B 254 -32.48 5.62 0.92
CA GLY B 254 -33.29 6.71 1.48
C GLY B 254 -32.95 8.03 0.81
N THR B 255 -33.24 9.14 1.48
CA THR B 255 -32.91 10.44 0.92
C THR B 255 -31.58 10.85 1.48
N ILE B 256 -30.65 11.31 0.66
CA ILE B 256 -29.31 11.60 1.14
C ILE B 256 -28.71 12.74 0.36
N PRO B 257 -27.74 13.43 0.98
CA PRO B 257 -27.07 14.46 0.22
C PRO B 257 -26.26 13.89 -0.95
N LEU B 258 -26.17 14.68 -1.99
CA LEU B 258 -25.41 14.35 -3.17
C LEU B 258 -23.97 13.98 -2.90
N ARG B 259 -23.29 14.62 -1.95
CA ARG B 259 -21.94 14.20 -1.67
C ARG B 259 -21.89 12.74 -1.23
N GLU B 260 -22.94 12.29 -0.56
CA GLU B 260 -22.99 10.96 0.00
C GLU B 260 -23.39 9.97 -1.10
N ALA B 261 -24.32 10.39 -1.97
CA ALA B 261 -24.71 9.64 -3.15
C ALA B 261 -23.53 9.40 -4.07
N PHE B 262 -22.73 10.42 -4.25
CA PHE B 262 -21.48 10.30 -5.02
C PHE B 262 -20.49 9.35 -4.33
N ALA B 263 -20.28 9.54 -3.04
CA ALA B 263 -19.30 8.72 -2.31
C ALA B 263 -19.69 7.27 -2.34
N ARG B 264 -21.00 6.99 -2.27
CA ARG B 264 -21.48 5.61 -2.27
C ARG B 264 -21.84 5.15 -3.67
N SER B 265 -21.64 6.01 -4.67
CA SER B 265 -21.89 5.65 -6.04
C SER B 265 -23.29 5.06 -6.33
N SER B 266 -24.33 5.76 -5.92
CA SER B 266 -25.70 5.44 -6.23
C SER B 266 -26.02 5.86 -7.62
N ASN B 267 -26.44 4.86 -8.40
CA ASN B 267 -26.90 5.07 -9.74
C ASN B 267 -28.19 5.86 -9.80
N THR B 268 -29.14 5.53 -8.94
CA THR B 268 -30.46 6.17 -9.03
C THR B 268 -30.39 7.65 -8.71
N ALA B 269 -29.50 8.03 -7.80
CA ALA B 269 -29.30 9.47 -7.50
C ALA B 269 -28.63 10.21 -8.64
N LEU B 270 -27.53 9.63 -9.16
CA LEU B 270 -26.79 10.35 -10.18
C LEU B 270 -27.53 10.38 -11.51
N ALA B 271 -28.28 9.32 -11.81
CA ALA B 271 -29.19 9.38 -12.95
C ALA B 271 -30.16 10.57 -12.86
N GLN B 272 -30.68 10.85 -11.68
CA GLN B 272 -31.62 11.98 -11.55
C GLN B 272 -30.91 13.27 -11.86
N LEU B 273 -29.67 13.39 -11.43
CA LEU B 273 -28.88 14.56 -11.82
C LEU B 273 -28.67 14.63 -13.34
N GLY B 274 -28.40 13.48 -13.98
CA GLY B 274 -28.26 13.43 -15.41
C GLY B 274 -29.50 13.93 -16.14
N VAL B 275 -30.64 13.43 -15.68
CA VAL B 275 -31.91 13.85 -16.26
C VAL B 275 -32.14 15.35 -16.06
N ALA B 276 -31.84 15.86 -14.85
CA ALA B 276 -32.02 17.28 -14.59
C ALA B 276 -31.08 18.10 -15.51
N LEU B 277 -29.90 17.60 -15.80
CA LEU B 277 -28.98 18.35 -16.67
C LEU B 277 -29.44 18.37 -18.12
N GLY B 278 -29.92 17.23 -18.58
CA GLY B 278 -30.35 17.15 -19.95
C GLY B 278 -29.19 16.70 -20.82
N ALA B 279 -29.50 16.25 -22.02
CA ALA B 279 -28.50 15.66 -22.88
C ALA B 279 -27.50 16.69 -23.41
N ASP B 280 -27.97 17.88 -23.77
CA ASP B 280 -27.08 18.90 -24.33
C ASP B 280 -25.99 19.26 -23.33
N ASN B 281 -26.39 19.44 -22.08
CA ASN B 281 -25.38 19.74 -21.07
C ASN B 281 -24.47 18.57 -20.81
N LEU B 282 -25.01 17.37 -20.72
CA LEU B 282 -24.12 16.24 -20.37
C LEU B 282 -23.05 16.07 -21.44
N VAL B 283 -23.45 16.14 -22.71
CA VAL B 283 -22.51 15.94 -23.82
C VAL B 283 -21.53 17.12 -23.90
N SER B 284 -22.07 18.31 -23.79
CA SER B 284 -21.26 19.49 -23.83
C SER B 284 -20.16 19.48 -22.74
N TYR B 285 -20.52 19.12 -21.52
CA TYR B 285 -19.50 19.04 -20.50
C TYR B 285 -18.47 17.90 -20.76
N ALA B 286 -18.94 16.75 -21.22
CA ALA B 286 -18.02 15.67 -21.58
C ALA B 286 -17.00 16.12 -22.63
N ARG B 287 -17.47 16.84 -23.63
CA ARG B 287 -16.60 17.36 -24.65
C ARG B 287 -15.64 18.42 -24.15
N ALA B 288 -16.10 19.27 -23.24
CA ALA B 288 -15.22 20.27 -22.64
C ALA B 288 -14.12 19.57 -21.83
N PHE B 289 -14.39 18.40 -21.30
CA PHE B 289 -13.30 17.63 -20.67
C PHE B 289 -12.41 16.90 -21.63
N GLY B 290 -12.74 16.86 -22.92
CA GLY B 290 -11.88 16.14 -23.91
C GLY B 290 -12.56 15.13 -24.84
N TYR B 291 -13.81 14.75 -24.56
CA TYR B 291 -14.50 13.76 -25.36
C TYR B 291 -14.62 14.33 -26.80
N GLY B 292 -14.41 13.46 -27.77
CA GLY B 292 -14.39 13.83 -29.19
C GLY B 292 -13.05 14.37 -29.66
N THR B 293 -12.08 14.61 -28.77
CA THR B 293 -10.72 15.01 -29.15
C THR B 293 -9.71 13.87 -29.09
N ALA B 294 -8.76 13.85 -30.00
CA ALA B 294 -7.77 12.78 -30.06
C ALA B 294 -6.66 13.28 -29.17
N LEU B 295 -6.77 12.96 -27.89
CA LEU B 295 -5.89 13.53 -26.87
C LEU B 295 -4.42 13.20 -27.21
N GLY B 296 -3.54 14.11 -26.86
CA GLY B 296 -2.10 13.86 -26.93
C GLY B 296 -1.45 14.86 -27.83
N GLN B 297 -0.51 15.64 -27.31
CA GLN B 297 0.22 16.54 -28.18
C GLN B 297 1.06 15.70 -29.10
N ASP B 298 1.56 14.57 -28.63
CA ASP B 298 2.61 13.91 -29.37
C ASP B 298 2.48 12.40 -29.36
N PHE B 299 1.24 11.93 -29.24
CA PHE B 299 0.95 10.51 -29.27
C PHE B 299 -0.51 10.35 -29.65
N SER B 300 -0.86 9.14 -30.09
CA SER B 300 -2.18 8.84 -30.65
C SER B 300 -3.09 8.30 -29.58
N THR B 301 -4.22 8.95 -29.40
CA THR B 301 -5.31 8.45 -28.55
C THR B 301 -6.55 8.39 -29.38
N THR B 302 -7.32 7.33 -29.29
CA THR B 302 -8.59 7.30 -29.95
C THR B 302 -9.57 8.13 -29.13
N PRO B 303 -10.30 9.04 -29.76
CA PRO B 303 -11.20 9.92 -29.02
C PRO B 303 -12.25 9.19 -28.25
N SER B 304 -12.60 9.75 -27.09
CA SER B 304 -13.69 9.22 -26.32
C SER B 304 -14.98 9.72 -26.90
N LEU B 305 -16.04 8.93 -26.75
CA LEU B 305 -17.25 9.20 -27.51
C LEU B 305 -18.50 9.44 -26.70
N PRO B 307 -22.89 10.30 -27.62
CA PRO B 307 -23.85 10.44 -28.71
C PRO B 307 -24.08 11.85 -29.18
N ASN B 308 -24.84 11.96 -30.27
CA ASN B 308 -25.47 13.18 -30.67
C ASN B 308 -26.61 13.42 -29.68
N PRO B 309 -26.56 14.52 -28.92
CA PRO B 309 -27.56 14.72 -27.86
C PRO B 309 -29.01 14.64 -28.34
N ALA B 310 -29.27 15.03 -29.56
CA ALA B 310 -30.61 15.05 -30.08
C ALA B 310 -31.19 13.67 -30.26
N GLU B 311 -30.35 12.65 -30.34
CA GLU B 311 -30.84 11.26 -30.55
C GLU B 311 -31.01 10.52 -29.25
N THR B 313 -32.37 9.41 -25.59
CA THR B 313 -33.66 9.31 -24.94
C THR B 313 -33.37 9.52 -23.48
N THR B 314 -34.45 9.66 -22.72
CA THR B 314 -34.35 10.01 -21.34
C THR B 314 -33.73 8.86 -20.58
N TRP B 315 -34.16 7.64 -20.88
CA TRP B 315 -33.59 6.46 -20.21
C TRP B 315 -32.10 6.31 -20.57
N GLU B 316 -31.76 6.61 -21.81
CA GLU B 316 -30.37 6.53 -22.26
C GLU B 316 -29.56 7.52 -21.47
N LEU B 317 -30.15 8.71 -21.26
CA LEU B 317 -29.43 9.82 -20.61
C LEU B 317 -29.17 9.44 -19.18
N ALA B 318 -30.17 8.80 -18.58
CA ALA B 318 -30.07 8.40 -17.20
C ALA B 318 -28.88 7.46 -16.99
N TRP B 319 -28.76 6.47 -17.86
CA TRP B 319 -27.66 5.52 -17.72
C TRP B 319 -26.35 6.12 -18.15
N ALA B 320 -26.38 6.98 -19.15
CA ALA B 320 -25.20 7.61 -19.59
C ALA B 320 -24.52 8.42 -18.42
N SER B 321 -25.34 9.03 -17.58
CA SER B 321 -24.76 9.88 -16.59
C SER B 321 -24.21 9.06 -15.44
N CYS B 322 -24.48 7.75 -15.46
CA CYS B 322 -23.84 6.79 -14.56
C CYS B 322 -22.72 6.09 -15.27
N GLY B 323 -22.35 6.55 -16.47
CA GLY B 323 -21.22 5.95 -17.21
C GLY B 323 -21.50 4.72 -18.10
N LEU B 324 -22.77 4.41 -18.29
CA LEU B 324 -23.13 3.22 -19.06
C LEU B 324 -23.77 3.59 -20.40
N PRO B 325 -23.17 3.14 -21.50
CA PRO B 325 -23.74 3.47 -22.82
C PRO B 325 -24.77 2.47 -23.20
N VAL B 326 -26.01 2.91 -23.39
CA VAL B 326 -27.10 2.04 -23.83
C VAL B 326 -27.83 2.55 -25.06
N GLY B 327 -27.33 3.60 -25.71
CA GLY B 327 -28.04 4.19 -26.81
C GLY B 327 -28.14 3.30 -28.04
N GLU B 328 -29.22 3.49 -28.79
CA GLU B 328 -29.46 2.72 -30.01
C GLU B 328 -29.99 3.73 -30.99
N HIS B 329 -29.08 4.28 -31.77
CA HIS B 329 -29.37 5.30 -32.75
C HIS B 329 -28.15 5.36 -33.63
N ALA B 330 -28.16 6.28 -34.58
CA ALA B 330 -27.12 6.37 -35.58
C ALA B 330 -25.73 6.74 -35.01
N SER B 331 -25.70 7.72 -34.13
CA SER B 331 -24.45 8.17 -33.49
C SER B 331 -24.00 7.12 -32.46
N PRO B 332 -22.73 7.16 -32.05
CA PRO B 332 -22.26 6.15 -31.08
C PRO B 332 -23.03 6.18 -29.76
N ALA B 333 -23.16 5.04 -29.12
CA ALA B 333 -23.55 5.01 -27.72
C ALA B 333 -22.42 5.68 -26.94
N GLY B 334 -22.71 6.26 -25.80
CA GLY B 334 -21.66 6.84 -24.96
C GLY B 334 -22.11 6.94 -23.50
N PRO B 335 -21.20 7.23 -22.58
CA PRO B 335 -19.82 7.43 -22.85
C PRO B 335 -19.05 6.13 -23.11
N GLN B 336 -18.05 6.25 -23.97
CA GLN B 336 -17.04 5.24 -24.20
C GLN B 336 -15.74 5.99 -24.06
N THR B 337 -14.87 5.55 -23.12
CA THR B 337 -13.68 6.30 -22.73
C THR B 337 -12.37 5.56 -22.87
N THR B 338 -11.29 6.31 -23.04
CA THR B 338 -9.96 5.73 -22.82
C THR B 338 -9.54 5.98 -21.39
N VAL B 339 -8.57 5.19 -20.98
CA VAL B 339 -7.98 5.39 -19.66
C VAL B 339 -7.25 6.75 -19.61
N GLN B 341 -8.22 9.46 -21.27
CA GLN B 341 -9.30 10.49 -21.10
C GLN B 341 -9.76 10.57 -19.63
N ASN B 342 -9.79 9.43 -18.97
CA ASN B 342 -10.12 9.41 -17.54
C ASN B 342 -9.08 10.15 -16.72
N ALA B 343 -7.81 10.00 -17.07
CA ALA B 343 -6.80 10.79 -16.47
C ALA B 343 -6.93 12.28 -16.70
N VAL B 344 -7.31 12.68 -17.90
CA VAL B 344 -7.42 14.09 -18.22
C VAL B 344 -8.55 14.71 -17.38
N ILE B 345 -9.60 13.96 -17.11
CA ILE B 345 -10.68 14.45 -16.30
C ILE B 345 -10.21 14.65 -14.86
N ALA B 346 -9.48 13.69 -14.33
CA ALA B 346 -9.06 13.80 -12.94
C ALA B 346 -8.07 14.96 -12.81
N ALA B 347 -7.22 15.09 -13.81
CA ALA B 347 -6.26 16.21 -13.83
C ALA B 347 -6.94 17.54 -13.89
N ALA B 348 -7.96 17.69 -14.75
CA ALA B 348 -8.64 18.95 -14.87
C ALA B 348 -9.30 19.36 -13.52
N ILE B 349 -9.96 18.41 -12.86
CA ILE B 349 -10.52 18.61 -11.54
C ILE B 349 -9.44 18.98 -10.51
N ALA B 350 -8.31 18.31 -10.58
CA ALA B 350 -7.22 18.56 -9.67
C ALA B 350 -6.54 19.88 -9.97
N ASN B 351 -6.68 20.40 -11.17
CA ASN B 351 -6.01 21.60 -11.66
C ASN B 351 -6.94 22.81 -11.89
N GLY B 352 -7.92 22.98 -11.00
CA GLY B 352 -8.80 24.14 -11.02
C GLY B 352 -9.74 24.21 -12.20
N GLY B 353 -9.98 23.06 -12.83
CA GLY B 353 -10.86 22.98 -13.99
C GLY B 353 -10.26 23.19 -15.35
N VAL B 354 -8.97 23.42 -15.39
CA VAL B 354 -8.27 23.71 -16.60
C VAL B 354 -7.73 22.37 -17.12
N VAL B 355 -8.18 22.01 -18.32
CA VAL B 355 -7.90 20.80 -18.98
C VAL B 355 -6.61 20.99 -19.80
N ASN B 357 -3.79 19.29 -22.54
CA ASN B 357 -3.49 18.27 -23.52
C ASN B 357 -2.22 17.50 -23.20
N PRO B 358 -2.38 16.22 -22.84
CA PRO B 358 -1.26 15.50 -22.32
C PRO B 358 -0.20 15.31 -23.34
N TYR B 359 1.00 15.08 -22.82
CA TYR B 359 2.15 14.91 -23.69
C TYR B 359 3.16 13.99 -23.08
N ILE B 360 3.97 13.41 -23.96
CA ILE B 360 4.89 12.41 -23.54
C ILE B 360 6.34 12.63 -23.96
N VAL B 361 6.59 13.61 -24.81
CA VAL B 361 7.95 13.98 -25.13
C VAL B 361 8.36 15.25 -24.40
N ASP B 362 9.33 15.13 -23.51
CA ASP B 362 9.83 16.32 -22.85
C ASP B 362 10.57 17.22 -23.80
N ARG B 363 11.56 16.67 -24.52
CA ARG B 363 12.40 17.47 -25.41
C ARG B 363 13.14 16.63 -26.44
N VAL B 364 13.70 17.33 -27.44
CA VAL B 364 14.50 16.71 -28.48
C VAL B 364 15.97 17.12 -28.41
N LEU B 365 16.84 16.12 -28.43
CA LEU B 365 18.27 16.34 -28.39
C LEU B 365 18.93 16.01 -29.72
N SER B 366 19.81 16.90 -30.18
CA SER B 366 20.69 16.59 -31.30
C SER B 366 21.65 15.47 -30.91
N PRO B 367 22.31 14.84 -31.88
CA PRO B 367 23.30 13.78 -31.65
C PRO B 367 24.31 14.08 -30.55
N GLU B 368 24.88 15.28 -30.56
CA GLU B 368 25.82 15.70 -29.51
C GLU B 368 25.14 16.06 -28.19
N GLY B 369 23.81 16.13 -28.20
CA GLY B 369 23.04 16.29 -26.98
C GLY B 369 22.48 17.69 -26.76
N ALA B 370 22.66 18.59 -27.73
CA ALA B 370 22.04 19.92 -27.62
C ALA B 370 20.51 19.79 -27.65
N VAL B 371 19.83 20.65 -26.89
CA VAL B 371 18.38 20.66 -26.89
C VAL B 371 17.92 21.32 -28.19
N VAL B 372 17.21 20.57 -29.02
CA VAL B 372 16.70 21.05 -30.30
C VAL B 372 15.38 21.77 -30.03
N SER B 373 14.56 21.16 -29.19
CA SER B 373 13.30 21.78 -28.83
C SER B 373 12.71 21.15 -27.57
N THR B 374 11.74 21.86 -27.02
CA THR B 374 11.17 21.53 -25.74
C THR B 374 9.64 21.58 -25.89
N THR B 375 8.94 20.58 -25.39
CA THR B 375 7.47 20.62 -25.42
C THR B 375 6.97 21.71 -24.49
N SER B 376 6.00 22.52 -24.93
CA SER B 376 5.31 23.43 -23.99
C SER B 376 3.96 22.82 -23.61
N PRO B 377 3.55 22.97 -22.35
CA PRO B 377 2.17 22.53 -22.02
C PRO B 377 1.12 23.40 -22.72
N LYS B 378 0.01 22.77 -23.07
CA LYS B 378 -1.05 23.46 -23.74
C LYS B 378 -2.37 23.05 -23.10
N SER B 379 -3.23 24.05 -22.93
CA SER B 379 -4.55 23.81 -22.38
C SER B 379 -5.52 23.50 -23.48
N LEU B 380 -6.48 22.63 -23.20
CA LEU B 380 -7.61 22.45 -24.08
C LEU B 380 -8.78 23.30 -23.63
N GLY B 381 -8.57 24.24 -22.70
CA GLY B 381 -9.67 25.06 -22.20
C GLY B 381 -10.05 24.78 -20.75
N GLN B 382 -11.03 25.55 -20.30
CA GLN B 382 -11.51 25.43 -18.98
C GLN B 382 -12.89 24.74 -18.95
N ALA B 383 -12.93 23.52 -18.46
CA ALA B 383 -14.15 22.74 -18.55
C ALA B 383 -15.20 23.18 -17.55
N VAL B 384 -14.77 23.54 -16.32
CA VAL B 384 -15.66 23.99 -15.24
C VAL B 384 -14.90 25.10 -14.52
N SER B 385 -15.60 25.94 -13.76
CA SER B 385 -14.92 26.97 -12.95
C SER B 385 -14.03 26.36 -11.85
N ALA B 386 -13.10 27.17 -11.33
CA ALA B 386 -12.34 26.77 -10.12
C ALA B 386 -13.23 26.42 -8.95
N ASP B 387 -14.28 27.20 -8.74
CA ASP B 387 -15.21 26.87 -7.68
C ASP B 387 -15.79 25.49 -7.85
N THR B 388 -16.23 25.15 -9.05
CA THR B 388 -16.82 23.85 -9.27
C THR B 388 -15.82 22.74 -9.02
N ALA B 389 -14.59 22.98 -9.48
CA ALA B 389 -13.57 21.98 -9.34
C ALA B 389 -13.21 21.72 -7.90
N ALA B 390 -13.23 22.77 -7.08
CA ALA B 390 -13.00 22.59 -5.66
C ALA B 390 -14.08 21.70 -5.02
N GLN B 391 -15.34 21.92 -5.38
CA GLN B 391 -16.45 21.04 -4.92
C GLN B 391 -16.30 19.62 -5.38
N VAL B 392 -15.89 19.42 -6.64
CA VAL B 392 -15.70 18.06 -7.14
C VAL B 392 -14.51 17.36 -6.42
N ARG B 393 -13.40 18.08 -6.18
CA ARG B 393 -12.31 17.60 -5.41
C ARG B 393 -12.79 17.14 -4.03
N GLU B 394 -13.53 17.99 -3.35
CA GLU B 394 -14.09 17.62 -2.04
C GLU B 394 -14.96 16.35 -2.10
N ALA B 395 -15.80 16.26 -3.12
CA ALA B 395 -16.64 15.10 -3.23
C ALA B 395 -15.80 13.84 -3.50
N LEU B 397 -12.62 13.35 -2.40
CA LEU B 397 -12.08 13.01 -1.08
C LEU B 397 -13.04 12.16 -0.28
N GLY B 398 -14.31 12.50 -0.29
CA GLY B 398 -15.34 11.69 0.37
C GLY B 398 -15.41 10.26 -0.11
N VAL B 399 -15.32 10.07 -1.42
CA VAL B 399 -15.32 8.72 -2.01
C VAL B 399 -14.27 7.82 -1.34
N VAL B 400 -13.05 8.37 -1.20
CA VAL B 400 -11.95 7.64 -0.66
C VAL B 400 -11.95 7.57 0.89
N GLU B 401 -12.29 8.68 1.55
CA GLU B 401 -12.36 8.71 2.98
C GLU B 401 -13.51 7.88 3.58
N SER B 402 -14.67 7.82 2.95
CA SER B 402 -15.81 7.18 3.57
C SER B 402 -16.71 6.38 2.61
N GLY B 403 -16.38 6.30 1.34
CA GLY B 403 -17.24 5.58 0.39
C GLY B 403 -16.58 4.41 -0.31
N THR B 404 -16.85 4.28 -1.60
CA THR B 404 -16.46 3.11 -2.36
C THR B 404 -14.99 3.06 -2.63
N GLY B 405 -14.24 4.14 -2.41
CA GLY B 405 -12.78 4.14 -2.70
C GLY B 405 -11.87 4.01 -1.48
N GLY B 407 -10.48 1.54 -0.21
CA GLY B 407 -9.32 0.73 -0.55
C GLY B 407 -8.14 1.49 -1.10
N ALA B 408 -8.34 2.72 -1.57
CA ALA B 408 -7.26 3.54 -2.10
C ALA B 408 -6.51 4.31 -1.00
N ARG B 409 -6.99 4.23 0.23
CA ARG B 409 -6.28 4.94 1.32
C ARG B 409 -4.89 4.37 1.58
N VAL B 410 -3.97 5.31 1.83
CA VAL B 410 -2.61 5.02 2.23
C VAL B 410 -2.38 5.77 3.53
N PRO B 411 -1.84 5.10 4.55
CA PRO B 411 -1.59 5.84 5.80
C PRO B 411 -0.62 6.98 5.59
N GLY B 412 -1.01 8.14 6.05
CA GLY B 412 -0.15 9.32 6.01
C GLY B 412 -0.27 10.14 4.74
N VAL B 413 -1.23 9.82 3.88
CA VAL B 413 -1.40 10.59 2.67
C VAL B 413 -2.87 10.80 2.41
N LYS B 414 -3.22 12.00 1.97
CA LYS B 414 -4.57 12.31 1.66
C LYS B 414 -4.78 12.14 0.14
N ILE B 415 -5.67 11.20 -0.19
CA ILE B 415 -5.91 10.74 -1.55
C ILE B 415 -7.39 10.87 -1.84
N ALA B 416 -7.68 11.32 -3.05
CA ALA B 416 -9.05 11.54 -3.48
C ALA B 416 -9.29 10.88 -4.83
N GLY B 417 -10.51 10.43 -5.07
CA GLY B 417 -10.80 9.90 -6.39
C GLY B 417 -12.21 9.47 -6.63
N LYS B 418 -12.40 8.74 -7.73
CA LYS B 418 -13.69 8.18 -8.03
C LYS B 418 -13.45 6.81 -8.61
N THR B 419 -14.30 5.87 -8.17
CA THR B 419 -14.29 4.50 -8.59
C THR B 419 -15.37 4.22 -9.60
N GLY B 420 -15.22 3.07 -10.26
CA GLY B 420 -16.30 2.46 -11.01
C GLY B 420 -16.10 0.97 -11.26
N THR B 421 -17.22 0.33 -11.60
CA THR B 421 -17.27 -1.08 -11.93
C THR B 421 -18.27 -1.23 -13.09
N ALA B 422 -17.82 -1.83 -14.18
CA ALA B 422 -18.70 -2.03 -15.36
C ALA B 422 -18.86 -3.52 -15.62
N ASP B 423 -20.12 -3.93 -15.76
CA ASP B 423 -20.44 -5.30 -16.10
C ASP B 423 -20.16 -5.41 -17.57
N VAL B 424 -19.17 -6.20 -17.93
CA VAL B 424 -18.98 -6.49 -19.33
C VAL B 424 -19.34 -7.97 -19.43
N GLU B 425 -19.97 -8.38 -20.52
CA GLU B 425 -20.81 -9.59 -20.46
C GLU B 425 -20.15 -10.89 -19.96
N ASN B 426 -20.97 -11.77 -19.41
CA ASN B 426 -20.57 -13.14 -19.01
C ASN B 426 -19.73 -13.23 -17.73
N GLY B 427 -20.20 -12.60 -16.66
CA GLY B 427 -19.50 -12.65 -15.36
C GLY B 427 -18.14 -11.97 -15.34
N ASN B 428 -17.84 -11.17 -16.36
CA ASN B 428 -16.63 -10.37 -16.36
C ASN B 428 -16.96 -8.95 -15.96
N PHE B 429 -16.06 -8.34 -15.20
CA PHE B 429 -16.25 -6.97 -14.71
C PHE B 429 -14.92 -6.22 -14.81
N ASN B 430 -14.99 -4.95 -15.16
CA ASN B 430 -13.83 -4.07 -15.19
C ASN B 430 -13.88 -3.09 -14.01
N SER B 431 -12.74 -2.81 -13.40
CA SER B 431 -12.71 -1.96 -12.24
C SER B 431 -11.93 -0.72 -12.59
N PHE B 432 -12.48 0.45 -12.28
CA PHE B 432 -11.84 1.72 -12.63
C PHE B 432 -11.51 2.54 -11.39
N PHE B 433 -10.48 3.34 -11.49
CA PHE B 433 -10.19 4.35 -10.49
C PHE B 433 -9.52 5.51 -11.15
N ILE B 434 -10.02 6.71 -10.86
CA ILE B 434 -9.28 7.94 -11.17
C ILE B 434 -9.09 8.72 -9.87
N GLY B 435 -7.92 9.33 -9.71
CA GLY B 435 -7.75 10.20 -8.59
C GLY B 435 -6.45 10.92 -8.58
N PHE B 436 -6.20 11.58 -7.42
CA PHE B 436 -5.08 12.48 -7.30
C PHE B 436 -4.63 12.60 -5.85
N ALA B 437 -3.45 13.19 -5.69
CA ALA B 437 -2.82 13.32 -4.43
C ALA B 437 -1.61 14.26 -4.55
N PRO B 438 -1.23 14.91 -3.43
CA PRO B 438 -2.02 14.93 -2.20
C PRO B 438 -3.25 15.79 -2.43
N TYR B 439 -4.32 15.55 -1.68
CA TYR B 439 -5.54 16.34 -1.77
C TYR B 439 -5.34 17.88 -1.86
N ASP B 440 -4.72 18.51 -0.87
CA ASP B 440 -4.32 19.92 -1.03
C ASP B 440 -3.14 19.95 -1.97
N HIS B 441 -3.11 20.84 -2.93
CA HIS B 441 -1.96 20.94 -3.86
C HIS B 441 -1.55 19.60 -4.50
N PRO B 442 -2.47 19.01 -5.26
CA PRO B 442 -2.20 17.74 -5.92
C PRO B 442 -1.02 17.87 -6.81
N THR B 443 -0.16 16.86 -6.84
CA THR B 443 0.93 16.86 -7.81
C THR B 443 0.96 15.65 -8.74
N LEU B 444 0.06 14.69 -8.52
CA LEU B 444 -0.05 13.51 -9.29
C LEU B 444 -1.51 13.12 -9.47
N VAL B 445 -1.79 12.62 -10.66
CA VAL B 445 -3.06 12.01 -10.97
C VAL B 445 -2.83 10.60 -11.48
N VAL B 446 -3.77 9.71 -11.20
CA VAL B 446 -3.70 8.33 -11.71
C VAL B 446 -5.02 7.94 -12.33
N SER B 447 -4.98 7.11 -13.37
CA SER B 447 -6.16 6.53 -13.95
C SER B 447 -5.84 5.07 -14.20
N VAL B 448 -6.79 4.19 -13.87
CA VAL B 448 -6.62 2.78 -13.88
C VAL B 448 -7.84 2.05 -14.40
N VAL B 449 -7.59 1.02 -15.22
CA VAL B 449 -8.60 0.01 -15.44
C VAL B 449 -7.97 -1.36 -15.15
N ILE B 450 -8.71 -2.19 -14.43
CA ILE B 450 -8.35 -3.59 -14.25
C ILE B 450 -9.47 -4.41 -14.84
N GLU B 451 -9.14 -5.23 -15.82
CA GLU B 451 -10.10 -6.12 -16.43
C GLU B 451 -10.11 -7.44 -15.69
N GLY B 452 -11.29 -7.80 -15.21
CA GLY B 452 -11.52 -9.04 -14.48
C GLY B 452 -11.93 -10.09 -15.49
N ASN B 453 -11.09 -11.09 -15.68
CA ASN B 453 -11.25 -12.02 -16.79
C ASN B 453 -11.86 -13.33 -16.31
N GLY B 454 -13.12 -13.24 -15.91
CA GLY B 454 -13.82 -14.31 -15.23
C GLY B 454 -13.66 -14.03 -13.76
N GLU B 455 -12.43 -13.69 -13.40
CA GLU B 455 -12.07 -13.29 -12.06
C GLU B 455 -12.92 -12.09 -11.61
N ASN B 456 -13.14 -12.00 -10.30
CA ASN B 456 -13.76 -10.83 -9.69
C ASN B 456 -12.73 -9.84 -9.12
N VAL B 457 -12.99 -8.56 -9.34
CA VAL B 457 -12.06 -7.50 -9.00
C VAL B 457 -12.77 -6.27 -8.47
N LEU B 458 -13.93 -6.44 -7.83
CA LEU B 458 -14.65 -5.30 -7.25
C LEU B 458 -13.68 -4.55 -6.33
N GLY B 459 -13.50 -3.24 -6.57
CA GLY B 459 -12.65 -2.41 -5.72
C GLY B 459 -11.17 -2.48 -6.04
N TYR B 460 -10.78 -3.26 -7.03
CA TYR B 460 -9.36 -3.46 -7.24
C TYR B 460 -8.70 -2.25 -7.92
N GLY B 461 -9.45 -1.48 -8.71
CA GLY B 461 -8.89 -0.31 -9.40
C GLY B 461 -8.40 0.69 -8.37
N ALA B 462 -9.23 0.87 -7.35
CA ALA B 462 -8.90 1.77 -6.23
C ALA B 462 -7.67 1.34 -5.44
N GLN B 463 -7.54 0.04 -5.21
CA GLN B 463 -6.43 -0.44 -4.40
C GLN B 463 -5.19 -0.15 -5.19
N VAL B 464 -5.26 -0.46 -6.48
CA VAL B 464 -4.13 -0.27 -7.35
C VAL B 464 -3.76 1.23 -7.42
N GLY B 465 -4.75 2.07 -7.60
CA GLY B 465 -4.53 3.48 -7.77
C GLY B 465 -3.91 4.11 -6.54
N GLY B 466 -4.43 3.77 -5.37
CA GLY B 466 -3.84 4.28 -4.12
C GLY B 466 -2.36 3.91 -4.01
N ARG B 467 -2.04 2.64 -4.29
CA ARG B 467 -0.68 2.16 -4.05
C ARG B 467 0.22 2.84 -5.06
N VAL B 468 -0.28 3.01 -6.30
CA VAL B 468 0.53 3.67 -7.30
C VAL B 468 0.82 5.12 -6.90
N LEU B 469 -0.21 5.87 -6.50
CA LEU B 469 0.02 7.24 -6.05
C LEU B 469 1.00 7.33 -4.87
N ALA B 470 0.83 6.45 -3.91
CA ALA B 470 1.70 6.51 -2.75
C ALA B 470 3.16 6.29 -3.12
N GLN B 471 3.46 5.27 -3.92
CA GLN B 471 4.87 5.03 -4.28
C GLN B 471 5.36 6.10 -5.20
N CYS B 472 4.49 6.59 -6.07
CA CYS B 472 4.92 7.61 -6.98
C CYS B 472 5.25 8.89 -6.23
N LEU B 473 4.46 9.22 -5.22
CA LEU B 473 4.78 10.38 -4.37
C LEU B 473 6.14 10.23 -3.64
N ASN B 474 6.38 9.05 -3.05
CA ASN B 474 7.69 8.78 -2.43
C ASN B 474 8.81 8.97 -3.43
N ILE B 475 8.61 8.44 -4.62
CA ILE B 475 9.62 8.58 -5.67
C ILE B 475 9.83 10.05 -6.01
N GLN B 476 8.72 10.77 -6.11
CA GLN B 476 8.72 12.21 -6.33
C GLN B 476 9.52 12.98 -5.27
N ALA B 477 9.44 12.54 -4.01
CA ALA B 477 10.22 13.15 -2.92
C ALA B 477 11.74 13.10 -3.15
N LEU B 478 12.25 11.96 -3.60
CA LEU B 478 13.70 11.70 -3.68
C LEU B 478 14.33 12.30 -4.94
#